data_5JJS
#
_entry.id   5JJS
#
_cell.length_a   94.690
_cell.length_b   150.230
_cell.length_c   68.520
_cell.angle_alpha   90.00
_cell.angle_beta   90.00
_cell.angle_gamma   90.00
#
_symmetry.space_group_name_H-M   'P 21 21 2'
#
loop_
_entity.id
_entity.type
_entity.pdbx_description
1 polymer 'Genome polyprotein'
2 non-polymer 'ZINC ION'
3 non-polymer DI(HYDROXYETHYL)ETHER
4 non-polymer 5-[5-(3-hydroxyprop-1-yn-1-yl)thiophen-2-yl]-2,4-dimethoxy-N-{[(1R,3R)-3-methoxycyclohexyl]sulfonyl}benzamide
5 non-polymer 'MAGNESIUM ION'
6 non-polymer 1,2-ETHANEDIOL
7 non-polymer S-ADENOSYL-L-HOMOCYSTEINE
8 water water
#
_entity_poly.entity_id   1
_entity_poly.type   'polypeptide(L)'
_entity_poly.pdbx_seq_one_letter_code
;SMGETLGEKWKKKLNQLSRKEFDLYKKSGITEVDRTEAKEGLKRGETTHHAVSRGSAKLQWFVERNMVIPEGRVIDLGCG
RGGWSYYCAGLKKVTEVRGYTKGGPGHEEPVPMSTYGWNIVKLMSGKDVFYLPPEKCDTLLCDIGESSPSPTVEESRTIR
VLKMVEPWLKNNQFCIKVLNPYMPTVIEHLERLQRKHGGMLVRNPLSRNSTHEMYWISNGTGNIVSSVNMVSRLLLNRFT
MTHRRPTIEKDVDLGAGTRHVNAEPETPNMDVIGERIKRIKEEHNSTWHYDDENPYKTWAYHGSYEVKATGSASSMINGV
VKLLTKPWDVVPMVTQMAMTDTTPFGQQRVFKEKVDTRTPRPLPGTRKVMEITAEWLWRTLGRNKRPRLCTREEFTKKVR
TNAAMGAVFTEENQWDSAKAAVEDEEFWKLVDRERELHKLGKCGSCVYNMMGKREKKLGEFGKAKGSRAIWYMWLGVRYL
EFEALGFLNEDHWFSRENSYSGVEGEGLHKLGYILRDISKIPGGAMYADDTAGWDTRITEDDLHNEEKIIQQMDPEHRQL
ANAIFKLTYQNKVVKVQRPTPTGTVMDIISRKDQRGSGQVGTYGLNTFTNMEAQLVRQMEGEGVLTKADLENPHLLEKKI
TQWLETKGVERLKRMAISGDDCVVKPIDDRFANALLALNDMGKVRKDIPQWQPSKGWHDWQQVPFCSHHFHELIMKDGRK
LVVPCRPQDELIGRARISQGAGWSLRETACLGKAYAQMWSLMYFHRRDLRLASNAICSAVPVHWVPTSRTTWSIHAHHQW
MTTEDMLTVWNRVWIEENPWMEDKTPVTTWENVPYLGKREDQWCGSLIGLTSRATWAQNIPTAIQQVRSLIGNEEFLDYM
PSMKRFRKEEES
;
_entity_poly.pdbx_strand_id   A
#
# COMPACT_ATOMS: atom_id res chain seq x y z
N GLY A 3 -39.47 -25.54 -24.63
CA GLY A 3 -39.10 -25.11 -23.30
C GLY A 3 -37.60 -24.94 -23.10
N GLU A 4 -36.84 -24.75 -24.23
CA GLU A 4 -35.39 -24.57 -24.24
C GLU A 4 -35.01 -23.32 -23.44
N THR A 5 -34.08 -23.47 -22.47
CA THR A 5 -33.66 -22.32 -21.65
C THR A 5 -32.64 -21.49 -22.39
N LEU A 6 -32.47 -20.23 -21.97
CA LEU A 6 -31.44 -19.34 -22.52
C LEU A 6 -30.04 -19.95 -22.25
N GLY A 7 -29.87 -20.62 -21.11
CA GLY A 7 -28.60 -21.29 -20.78
C GLY A 7 -28.23 -22.38 -21.77
N GLU A 8 -29.24 -23.19 -22.19
CA GLU A 8 -29.07 -24.24 -23.19
C GLU A 8 -28.71 -23.63 -24.55
N LYS A 9 -29.30 -22.47 -24.90
CA LYS A 9 -28.98 -21.72 -26.13
C LYS A 9 -27.52 -21.26 -26.06
N TRP A 10 -27.09 -20.74 -24.89
CA TRP A 10 -25.70 -20.33 -24.70
C TRP A 10 -24.73 -21.50 -24.89
N LYS A 11 -25.08 -22.69 -24.34
CA LYS A 11 -24.25 -23.90 -24.41
C LYS A 11 -24.02 -24.36 -25.85
N LYS A 12 -25.10 -24.39 -26.66
CA LYS A 12 -25.06 -24.77 -28.08
C LYS A 12 -24.12 -23.85 -28.86
N LYS A 13 -24.22 -22.53 -28.61
CA LYS A 13 -23.37 -21.53 -29.25
C LYS A 13 -21.92 -21.67 -28.80
N LEU A 14 -21.69 -21.88 -27.48
CA LEU A 14 -20.34 -22.07 -26.94
C LEU A 14 -19.64 -23.28 -27.59
N ASN A 15 -20.35 -24.42 -27.71
CA ASN A 15 -19.79 -25.65 -28.29
C ASN A 15 -19.40 -25.56 -29.76
N GLN A 16 -20.01 -24.61 -30.51
CA GLN A 16 -19.78 -24.36 -31.94
C GLN A 16 -18.60 -23.43 -32.23
N LEU A 17 -18.12 -22.71 -31.20
CA LEU A 17 -16.99 -21.79 -31.30
C LEU A 17 -15.72 -22.56 -31.68
N SER A 18 -14.91 -21.97 -32.57
CA SER A 18 -13.62 -22.55 -32.93
C SER A 18 -12.67 -22.25 -31.74
N ARG A 19 -11.52 -22.93 -31.65
CA ARG A 19 -10.55 -22.68 -30.56
C ARG A 19 -10.13 -21.19 -30.50
N LYS A 20 -9.92 -20.57 -31.68
CA LYS A 20 -9.57 -19.16 -31.81
C LYS A 20 -10.64 -18.25 -31.19
N GLU A 21 -11.93 -18.40 -31.57
CA GLU A 21 -12.99 -17.56 -30.99
C GLU A 21 -13.35 -17.88 -29.54
N PHE A 22 -13.16 -19.15 -29.10
CA PHE A 22 -13.40 -19.61 -27.72
C PHE A 22 -12.38 -18.95 -26.76
N ASP A 23 -11.10 -18.86 -27.19
CA ASP A 23 -10.03 -18.27 -26.39
C ASP A 23 -10.23 -16.77 -26.17
N LEU A 24 -10.83 -16.10 -27.16
CA LEU A 24 -11.16 -14.68 -27.08
C LEU A 24 -12.39 -14.48 -26.21
N TYR A 25 -13.45 -15.26 -26.47
CA TYR A 25 -14.71 -15.13 -25.76
C TYR A 25 -14.59 -15.39 -24.25
N LYS A 26 -13.89 -16.48 -23.87
CA LYS A 26 -13.77 -16.91 -22.46
C LYS A 26 -13.35 -15.81 -21.47
N LYS A 27 -12.52 -14.85 -21.91
CA LYS A 27 -12.05 -13.78 -21.04
C LYS A 27 -12.61 -12.39 -21.34
N SER A 28 -13.49 -12.27 -22.36
CA SER A 28 -14.07 -10.98 -22.75
C SER A 28 -14.88 -10.30 -21.64
N GLY A 29 -14.40 -9.13 -21.18
CA GLY A 29 -15.06 -8.34 -20.15
C GLY A 29 -15.05 -8.94 -18.74
N ILE A 30 -14.28 -10.02 -18.53
CA ILE A 30 -14.26 -10.60 -17.17
C ILE A 30 -13.30 -9.85 -16.24
N THR A 31 -13.30 -10.22 -14.95
CA THR A 31 -12.36 -9.69 -13.96
C THR A 31 -11.37 -10.83 -13.75
N GLU A 32 -10.09 -10.49 -13.57
CA GLU A 32 -9.07 -11.50 -13.38
C GLU A 32 -7.96 -10.95 -12.47
N VAL A 33 -7.43 -11.77 -11.54
CA VAL A 33 -6.31 -11.28 -10.71
C VAL A 33 -5.00 -11.55 -11.44
N ASP A 34 -4.02 -10.69 -11.22
CA ASP A 34 -2.72 -10.86 -11.84
C ASP A 34 -1.95 -11.89 -11.02
N ARG A 35 -1.82 -13.11 -11.57
CA ARG A 35 -1.13 -14.22 -10.91
C ARG A 35 0.38 -14.30 -11.15
N THR A 36 0.97 -13.31 -11.87
CA THR A 36 2.40 -13.32 -12.23
C THR A 36 3.33 -13.53 -11.03
N GLU A 37 3.22 -12.64 -10.02
CA GLU A 37 4.06 -12.68 -8.83
C GLU A 37 3.89 -13.96 -8.03
N ALA A 38 2.64 -14.38 -7.79
CA ALA A 38 2.38 -15.60 -7.04
C ALA A 38 2.91 -16.83 -7.75
N LYS A 39 2.68 -16.95 -9.08
CA LYS A 39 3.16 -18.13 -9.81
C LYS A 39 4.69 -18.25 -9.72
N GLU A 40 5.42 -17.11 -9.90
CA GLU A 40 6.88 -17.11 -9.79
C GLU A 40 7.36 -17.40 -8.35
N GLY A 41 6.66 -16.85 -7.36
CA GLY A 41 6.95 -17.09 -5.94
C GLY A 41 6.75 -18.56 -5.60
N LEU A 42 5.63 -19.17 -6.07
CA LEU A 42 5.34 -20.59 -5.84
C LEU A 42 6.38 -21.49 -6.52
N LYS A 43 6.82 -21.11 -7.75
CA LYS A 43 7.85 -21.87 -8.47
C LYS A 43 9.17 -21.87 -7.68
N ARG A 44 9.46 -20.77 -6.95
CA ARG A 44 10.68 -20.64 -6.13
C ARG A 44 10.53 -21.27 -4.73
N GLY A 45 9.39 -21.91 -4.46
CA GLY A 45 9.10 -22.58 -3.20
C GLY A 45 8.75 -21.70 -2.02
N GLU A 46 8.41 -20.42 -2.27
CA GLU A 46 8.00 -19.47 -1.24
C GLU A 46 6.66 -19.90 -0.63
N THR A 47 6.57 -19.85 0.73
CA THR A 47 5.38 -20.31 1.47
C THR A 47 4.61 -19.18 2.16
N THR A 48 5.08 -17.92 2.01
CA THR A 48 4.39 -16.78 2.63
C THR A 48 3.78 -15.87 1.59
N HIS A 49 2.73 -15.12 1.99
CA HIS A 49 2.02 -14.09 1.20
C HIS A 49 1.17 -14.59 0.04
N HIS A 50 1.73 -15.43 -0.81
CA HIS A 50 1.03 -15.89 -2.00
C HIS A 50 -0.16 -16.75 -1.72
N ALA A 51 -1.20 -16.57 -2.53
CA ALA A 51 -2.33 -17.48 -2.57
C ALA A 51 -1.85 -18.65 -3.47
N VAL A 52 -2.26 -19.88 -3.16
CA VAL A 52 -1.85 -21.08 -3.93
C VAL A 52 -2.56 -21.19 -5.28
N SER A 53 -3.66 -20.46 -5.45
CA SER A 53 -4.44 -20.51 -6.68
C SER A 53 -5.22 -19.24 -6.85
N ARG A 54 -5.94 -19.12 -7.97
CA ARG A 54 -6.88 -18.01 -8.19
C ARG A 54 -8.09 -18.11 -7.23
N GLY A 55 -8.22 -19.23 -6.52
CA GLY A 55 -9.37 -19.46 -5.65
C GLY A 55 -9.49 -18.53 -4.46
N SER A 56 -8.33 -18.10 -3.90
CA SER A 56 -8.40 -17.19 -2.74
C SER A 56 -9.08 -15.87 -3.15
N ALA A 57 -8.71 -15.30 -4.30
CA ALA A 57 -9.34 -14.07 -4.79
C ALA A 57 -10.83 -14.36 -5.14
N LYS A 58 -11.13 -15.55 -5.66
CA LYS A 58 -12.51 -15.88 -6.01
C LYS A 58 -13.40 -15.84 -4.77
N LEU A 59 -12.95 -16.48 -3.69
CA LEU A 59 -13.70 -16.50 -2.45
C LEU A 59 -13.77 -15.09 -1.85
N GLN A 60 -12.65 -14.32 -1.93
CA GLN A 60 -12.62 -12.94 -1.41
C GLN A 60 -13.80 -12.14 -1.99
N TRP A 61 -14.12 -12.33 -3.29
CA TRP A 61 -15.22 -11.59 -3.91
C TRP A 61 -16.55 -11.74 -3.13
N PHE A 62 -16.88 -12.97 -2.70
CA PHE A 62 -18.09 -13.24 -1.93
C PHE A 62 -17.96 -12.69 -0.53
N VAL A 63 -16.79 -12.95 0.12
CA VAL A 63 -16.61 -12.56 1.54
C VAL A 63 -16.69 -11.04 1.75
N GLU A 64 -16.05 -10.28 0.87
CA GLU A 64 -16.01 -8.81 0.95
C GLU A 64 -17.39 -8.15 0.67
N ARG A 65 -18.31 -8.93 0.10
CA ARG A 65 -19.70 -8.54 -0.18
C ARG A 65 -20.68 -9.11 0.85
N ASN A 66 -20.16 -9.77 1.89
CA ASN A 66 -20.91 -10.40 2.98
C ASN A 66 -21.87 -11.51 2.51
N MET A 67 -21.65 -12.08 1.32
CA MET A 67 -22.49 -13.18 0.79
C MET A 67 -22.31 -14.45 1.60
N VAL A 68 -21.08 -14.66 2.10
CA VAL A 68 -20.72 -15.72 3.03
C VAL A 68 -19.70 -15.08 3.95
N ILE A 69 -19.86 -15.27 5.25
CA ILE A 69 -18.91 -14.72 6.22
C ILE A 69 -18.37 -15.87 7.06
N PRO A 70 -17.28 -16.53 6.59
CA PRO A 70 -16.76 -17.68 7.33
C PRO A 70 -16.55 -17.38 8.82
N GLU A 71 -16.91 -18.35 9.65
CA GLU A 71 -16.82 -18.28 11.11
C GLU A 71 -16.69 -19.67 11.69
N GLY A 72 -16.16 -19.72 12.92
CA GLY A 72 -16.03 -20.95 13.69
C GLY A 72 -15.27 -22.04 12.95
N ARG A 73 -15.81 -23.28 12.99
CA ARG A 73 -15.22 -24.40 12.26
C ARG A 73 -15.69 -24.32 10.80
N VAL A 74 -14.74 -24.11 9.90
CA VAL A 74 -15.01 -24.04 8.46
C VAL A 74 -14.63 -25.37 7.85
N ILE A 75 -15.52 -25.92 7.00
CA ILE A 75 -15.19 -27.15 6.26
C ILE A 75 -15.14 -26.76 4.80
N ASP A 76 -14.03 -27.08 4.10
CA ASP A 76 -13.82 -26.76 2.70
C ASP A 76 -13.79 -28.05 1.89
N LEU A 77 -14.92 -28.37 1.21
CA LEU A 77 -15.05 -29.64 0.46
C LEU A 77 -14.49 -29.50 -0.93
N GLY A 78 -13.61 -30.43 -1.33
CA GLY A 78 -12.90 -30.29 -2.59
C GLY A 78 -11.91 -29.14 -2.52
N CYS A 79 -11.15 -29.06 -1.41
CA CYS A 79 -10.20 -27.95 -1.21
C CYS A 79 -9.10 -27.82 -2.26
N GLY A 80 -8.76 -28.90 -2.97
CA GLY A 80 -7.70 -28.86 -3.96
C GLY A 80 -6.42 -28.31 -3.38
N ARG A 81 -5.81 -27.33 -4.06
CA ARG A 81 -4.55 -26.68 -3.60
C ARG A 81 -4.73 -25.98 -2.23
N GLY A 82 -5.98 -25.57 -1.91
CA GLY A 82 -6.28 -24.92 -0.63
C GLY A 82 -6.59 -23.44 -0.63
N GLY A 83 -6.77 -22.82 -1.81
CA GLY A 83 -7.01 -21.37 -1.91
C GLY A 83 -8.11 -20.85 -1.01
N TRP A 84 -9.23 -21.54 -0.93
CA TRP A 84 -10.30 -21.06 -0.03
C TRP A 84 -9.92 -21.22 1.44
N SER A 85 -9.28 -22.33 1.77
CA SER A 85 -8.93 -22.61 3.15
C SER A 85 -7.92 -21.62 3.73
N TYR A 86 -6.87 -21.30 2.93
CA TYR A 86 -5.84 -20.35 3.38
C TYR A 86 -6.42 -18.95 3.52
N TYR A 87 -7.41 -18.59 2.63
CA TYR A 87 -8.07 -17.30 2.72
C TYR A 87 -8.85 -17.23 4.05
N CYS A 88 -9.65 -18.28 4.36
CA CYS A 88 -10.46 -18.29 5.58
C CYS A 88 -9.66 -18.19 6.87
N ALA A 89 -8.44 -18.72 6.88
CA ALA A 89 -7.62 -18.79 8.08
C ALA A 89 -7.34 -17.41 8.71
N GLY A 90 -7.39 -16.36 7.90
CA GLY A 90 -7.12 -15.01 8.39
C GLY A 90 -8.36 -14.17 8.70
N LEU A 91 -9.57 -14.78 8.70
CA LEU A 91 -10.79 -14.01 8.96
C LEU A 91 -11.18 -14.02 10.42
N LYS A 92 -11.73 -12.88 10.88
CA LYS A 92 -12.02 -12.61 12.28
C LYS A 92 -12.59 -13.77 13.08
N LYS A 93 -13.74 -14.28 12.64
CA LYS A 93 -14.46 -15.28 13.43
C LYS A 93 -14.06 -16.76 13.21
N VAL A 94 -13.14 -17.00 12.27
CA VAL A 94 -12.71 -18.37 11.95
C VAL A 94 -11.78 -18.91 13.04
N THR A 95 -12.08 -20.12 13.54
CA THR A 95 -11.27 -20.77 14.57
C THR A 95 -10.56 -22.03 14.08
N GLU A 96 -11.04 -22.64 12.96
CA GLU A 96 -10.45 -23.87 12.45
C GLU A 96 -10.88 -24.04 11.04
N VAL A 97 -9.97 -24.48 10.18
CA VAL A 97 -10.32 -24.74 8.80
C VAL A 97 -9.92 -26.19 8.46
N ARG A 98 -10.90 -26.99 8.06
CA ARG A 98 -10.68 -28.39 7.69
C ARG A 98 -10.94 -28.48 6.21
N GLY A 99 -9.91 -28.84 5.45
CA GLY A 99 -10.02 -28.95 4.00
C GLY A 99 -9.96 -30.41 3.62
N TYR A 100 -10.85 -30.85 2.72
CA TYR A 100 -10.87 -32.27 2.31
C TYR A 100 -10.81 -32.27 0.80
N THR A 101 -9.96 -33.12 0.21
CA THR A 101 -9.83 -33.19 -1.24
C THR A 101 -9.41 -34.59 -1.65
N LYS A 102 -9.80 -34.99 -2.86
CA LYS A 102 -9.53 -36.35 -3.33
C LYS A 102 -8.06 -36.63 -3.48
N GLY A 103 -7.39 -35.76 -4.21
CA GLY A 103 -5.99 -35.87 -4.57
C GLY A 103 -5.81 -37.02 -5.54
N GLY A 104 -4.56 -37.41 -5.74
CA GLY A 104 -4.22 -38.51 -6.65
C GLY A 104 -4.11 -38.04 -8.08
N PRO A 105 -3.85 -38.97 -9.04
CA PRO A 105 -3.70 -38.57 -10.46
C PRO A 105 -4.86 -37.79 -11.05
N GLY A 106 -4.55 -36.70 -11.73
CA GLY A 106 -5.53 -35.82 -12.37
C GLY A 106 -6.33 -34.95 -11.41
N HIS A 107 -5.97 -34.96 -10.11
CA HIS A 107 -6.64 -34.14 -9.10
C HIS A 107 -5.62 -33.26 -8.39
N GLU A 108 -6.02 -32.02 -8.06
CA GLU A 108 -5.18 -31.06 -7.33
C GLU A 108 -4.88 -31.57 -5.92
N GLU A 109 -3.65 -31.34 -5.50
CA GLU A 109 -3.20 -31.75 -4.16
C GLU A 109 -3.02 -30.50 -3.28
N PRO A 110 -3.29 -30.60 -1.97
CA PRO A 110 -3.02 -29.45 -1.08
C PRO A 110 -1.59 -28.96 -1.19
N VAL A 111 -1.40 -27.63 -1.25
CA VAL A 111 -0.09 -26.99 -1.32
C VAL A 111 0.23 -26.49 0.10
N PRO A 112 1.25 -27.06 0.77
CA PRO A 112 1.62 -26.58 2.12
C PRO A 112 2.09 -25.12 2.08
N MET A 113 1.59 -24.29 2.99
CA MET A 113 1.96 -22.89 3.02
C MET A 113 2.13 -22.45 4.48
N SER A 114 2.71 -21.26 4.67
CA SER A 114 2.87 -20.71 6.00
C SER A 114 2.32 -19.29 6.03
N THR A 115 1.20 -19.08 5.27
CA THR A 115 0.46 -17.81 5.27
C THR A 115 -0.22 -17.63 6.64
N TYR A 116 -0.71 -16.39 6.95
CA TYR A 116 -1.25 -16.11 8.28
C TYR A 116 -2.36 -17.06 8.65
N GLY A 117 -2.24 -17.71 9.80
CA GLY A 117 -3.26 -18.68 10.23
C GLY A 117 -3.06 -20.09 9.75
N TRP A 118 -1.89 -20.40 9.16
CA TRP A 118 -1.61 -21.78 8.71
C TRP A 118 -1.82 -22.80 9.85
N ASN A 119 -1.61 -22.36 11.14
CA ASN A 119 -1.70 -23.22 12.32
C ASN A 119 -3.12 -23.67 12.65
N ILE A 120 -4.15 -23.03 12.02
CA ILE A 120 -5.51 -23.52 12.21
C ILE A 120 -6.07 -24.20 10.93
N VAL A 121 -5.20 -24.41 9.93
CA VAL A 121 -5.56 -24.99 8.63
C VAL A 121 -5.15 -26.47 8.59
N LYS A 122 -6.11 -27.37 8.35
CA LYS A 122 -5.88 -28.81 8.32
C LYS A 122 -6.38 -29.34 6.97
N LEU A 123 -5.51 -29.44 5.99
CA LEU A 123 -5.85 -29.91 4.62
C LEU A 123 -5.51 -31.40 4.50
N MET A 124 -6.50 -32.18 4.06
CA MET A 124 -6.32 -33.63 3.93
C MET A 124 -6.64 -34.07 2.54
N SER A 125 -5.65 -34.75 1.92
CA SER A 125 -5.83 -35.38 0.61
C SER A 125 -6.24 -36.84 0.91
N GLY A 126 -6.71 -37.53 -0.11
CA GLY A 126 -7.18 -38.91 0.06
C GLY A 126 -8.54 -38.99 0.70
N LYS A 127 -9.32 -37.88 0.64
CA LYS A 127 -10.63 -37.78 1.25
C LYS A 127 -11.65 -37.35 0.19
N ASP A 128 -12.19 -38.32 -0.56
CA ASP A 128 -13.20 -38.03 -1.57
C ASP A 128 -14.48 -37.66 -0.79
N VAL A 129 -14.95 -36.41 -0.95
CA VAL A 129 -16.07 -35.92 -0.13
C VAL A 129 -17.37 -36.66 -0.44
N PHE A 130 -17.43 -37.38 -1.59
CA PHE A 130 -18.65 -38.16 -1.91
C PHE A 130 -18.71 -39.46 -1.12
N TYR A 131 -17.64 -39.76 -0.32
CA TYR A 131 -17.58 -40.96 0.52
C TYR A 131 -17.58 -40.54 2.01
N LEU A 132 -17.71 -39.23 2.29
CA LEU A 132 -17.59 -38.73 3.64
C LEU A 132 -18.88 -38.52 4.38
N PRO A 133 -18.96 -38.95 5.65
CA PRO A 133 -20.15 -38.64 6.45
C PRO A 133 -20.12 -37.16 6.84
N PRO A 134 -21.26 -36.48 6.76
CA PRO A 134 -21.31 -35.06 7.15
C PRO A 134 -20.90 -34.83 8.58
N GLU A 135 -20.20 -33.70 8.82
CA GLU A 135 -19.69 -33.32 10.13
C GLU A 135 -20.31 -31.99 10.53
N LYS A 136 -20.34 -31.73 11.83
CA LYS A 136 -20.83 -30.44 12.36
C LYS A 136 -19.85 -29.36 11.98
N CYS A 137 -20.37 -28.24 11.45
CA CYS A 137 -19.51 -27.10 11.07
C CYS A 137 -20.32 -25.83 11.10
N ASP A 138 -19.61 -24.70 11.21
CA ASP A 138 -20.23 -23.38 11.25
C ASP A 138 -20.25 -22.72 9.89
N THR A 139 -19.35 -23.17 8.98
CA THR A 139 -19.27 -22.68 7.60
C THR A 139 -19.00 -23.90 6.74
N LEU A 140 -19.73 -24.00 5.62
CA LEU A 140 -19.57 -25.10 4.68
C LEU A 140 -19.27 -24.49 3.33
N LEU A 141 -18.07 -24.77 2.82
CA LEU A 141 -17.64 -24.29 1.50
C LEU A 141 -17.47 -25.47 0.57
N CYS A 142 -17.82 -25.29 -0.71
CA CYS A 142 -17.66 -26.35 -1.70
C CYS A 142 -17.51 -25.73 -3.07
N ASP A 143 -16.39 -26.02 -3.74
CA ASP A 143 -16.16 -25.46 -5.08
C ASP A 143 -16.04 -26.57 -6.14
N ILE A 144 -16.73 -27.69 -5.92
CA ILE A 144 -16.63 -28.82 -6.86
C ILE A 144 -17.56 -28.70 -8.08
N GLY A 145 -17.06 -29.14 -9.24
CA GLY A 145 -17.89 -29.24 -10.46
C GLY A 145 -17.05 -29.16 -11.71
N GLU A 146 -16.97 -30.28 -12.46
CA GLU A 146 -16.16 -30.37 -13.67
C GLU A 146 -17.04 -30.16 -14.88
N SER A 147 -16.64 -29.22 -15.75
CA SER A 147 -17.38 -28.91 -16.98
C SER A 147 -17.43 -30.13 -17.93
N SER A 148 -18.44 -30.12 -18.82
CA SER A 148 -18.61 -31.14 -19.85
C SER A 148 -19.24 -30.45 -21.06
N PRO A 149 -18.90 -30.84 -22.31
CA PRO A 149 -19.65 -30.27 -23.45
C PRO A 149 -21.16 -30.59 -23.35
N SER A 150 -21.51 -31.72 -22.67
CA SER A 150 -22.91 -32.11 -22.54
C SER A 150 -23.54 -31.46 -21.30
N PRO A 151 -24.60 -30.62 -21.47
CA PRO A 151 -25.23 -30.01 -20.29
C PRO A 151 -25.94 -31.02 -19.38
N THR A 152 -26.33 -32.21 -19.93
CA THR A 152 -26.98 -33.22 -19.09
C THR A 152 -25.98 -33.95 -18.21
N VAL A 153 -24.74 -34.14 -18.70
CA VAL A 153 -23.66 -34.72 -17.88
C VAL A 153 -23.42 -33.70 -16.74
N GLU A 154 -23.42 -32.39 -17.07
CA GLU A 154 -23.24 -31.32 -16.05
C GLU A 154 -24.36 -31.28 -15.08
N GLU A 155 -25.63 -31.45 -15.56
CA GLU A 155 -26.79 -31.52 -14.69
C GLU A 155 -26.60 -32.64 -13.65
N SER A 156 -26.20 -33.84 -14.11
CA SER A 156 -26.02 -34.96 -13.18
C SER A 156 -24.94 -34.65 -12.12
N ARG A 157 -23.84 -34.04 -12.56
CA ARG A 157 -22.72 -33.69 -11.67
C ARG A 157 -23.16 -32.67 -10.66
N THR A 158 -23.98 -31.69 -11.11
CA THR A 158 -24.45 -30.60 -10.26
C THR A 158 -25.40 -31.17 -9.19
N ILE A 159 -26.40 -31.98 -9.61
CA ILE A 159 -27.32 -32.52 -8.62
C ILE A 159 -26.55 -33.39 -7.63
N ARG A 160 -25.52 -34.11 -8.11
CA ARG A 160 -24.69 -34.99 -7.25
C ARG A 160 -24.01 -34.14 -6.16
N VAL A 161 -23.46 -32.97 -6.54
CA VAL A 161 -22.85 -32.04 -5.57
C VAL A 161 -23.91 -31.53 -4.59
N LEU A 162 -25.08 -31.09 -5.12
CA LEU A 162 -26.16 -30.55 -4.28
C LEU A 162 -26.70 -31.59 -3.29
N LYS A 163 -26.77 -32.86 -3.70
CA LYS A 163 -27.23 -33.94 -2.81
C LYS A 163 -26.14 -34.30 -1.79
N MET A 164 -24.87 -34.21 -2.20
CA MET A 164 -23.75 -34.46 -1.29
C MET A 164 -23.68 -33.36 -0.20
N VAL A 165 -23.85 -32.08 -0.59
CA VAL A 165 -23.67 -30.96 0.38
C VAL A 165 -24.79 -30.73 1.34
N GLU A 166 -26.02 -30.94 0.87
CA GLU A 166 -27.21 -30.59 1.64
C GLU A 166 -27.19 -31.08 3.08
N PRO A 167 -26.82 -32.35 3.40
CA PRO A 167 -26.83 -32.77 4.82
C PRO A 167 -25.76 -32.09 5.72
N TRP A 168 -24.80 -31.38 5.13
CA TRP A 168 -23.80 -30.62 5.88
C TRP A 168 -24.39 -29.27 6.35
N LEU A 169 -25.55 -28.88 5.79
CA LEU A 169 -26.17 -27.59 6.06
C LEU A 169 -27.16 -27.61 7.20
N LYS A 170 -26.90 -26.76 8.20
CA LYS A 170 -27.74 -26.64 9.39
C LYS A 170 -27.53 -25.27 10.02
N ASN A 171 -28.32 -24.27 9.59
CA ASN A 171 -28.28 -22.87 10.10
C ASN A 171 -26.83 -22.36 10.16
N ASN A 172 -26.04 -22.69 9.14
CA ASN A 172 -24.64 -22.30 9.10
C ASN A 172 -24.38 -21.49 7.85
N GLN A 173 -23.19 -20.92 7.75
CA GLN A 173 -22.80 -20.16 6.58
C GLN A 173 -22.39 -21.13 5.49
N PHE A 174 -22.61 -20.76 4.23
CA PHE A 174 -22.21 -21.61 3.12
C PHE A 174 -21.97 -20.87 1.81
N CYS A 175 -21.17 -21.49 0.94
CA CYS A 175 -20.84 -21.01 -0.39
C CYS A 175 -20.53 -22.23 -1.21
N ILE A 176 -21.47 -22.58 -2.12
CA ILE A 176 -21.40 -23.83 -2.85
C ILE A 176 -21.49 -23.54 -4.33
N LYS A 177 -20.53 -24.06 -5.09
CA LYS A 177 -20.56 -23.89 -6.54
C LYS A 177 -21.70 -24.73 -7.14
N VAL A 178 -22.44 -24.12 -8.06
CA VAL A 178 -23.50 -24.78 -8.84
C VAL A 178 -22.97 -24.74 -10.29
N LEU A 179 -22.32 -25.81 -10.72
CA LEU A 179 -21.66 -25.90 -12.04
C LEU A 179 -22.59 -25.51 -13.20
N ASN A 180 -23.79 -26.11 -13.23
CA ASN A 180 -24.78 -25.84 -14.28
C ASN A 180 -26.08 -25.48 -13.58
N PRO A 181 -26.34 -24.18 -13.45
CA PRO A 181 -27.55 -23.73 -12.74
C PRO A 181 -28.76 -23.51 -13.65
N TYR A 182 -28.57 -23.63 -14.98
CA TYR A 182 -29.65 -23.36 -15.97
C TYR A 182 -30.55 -24.53 -16.36
N MET A 183 -30.12 -25.77 -16.08
CA MET A 183 -30.95 -26.93 -16.39
C MET A 183 -32.18 -26.97 -15.52
N PRO A 184 -33.39 -27.12 -16.11
CA PRO A 184 -34.62 -27.06 -15.30
C PRO A 184 -34.66 -27.95 -14.06
N THR A 185 -34.10 -29.17 -14.13
CA THR A 185 -34.08 -30.03 -12.94
C THR A 185 -33.17 -29.46 -11.84
N VAL A 186 -32.09 -28.77 -12.22
CA VAL A 186 -31.21 -28.11 -11.23
C VAL A 186 -31.96 -26.96 -10.60
N ILE A 187 -32.67 -26.15 -11.43
CA ILE A 187 -33.51 -25.05 -10.92
C ILE A 187 -34.51 -25.55 -9.89
N GLU A 188 -35.24 -26.64 -10.22
CA GLU A 188 -36.24 -27.20 -9.33
C GLU A 188 -35.61 -27.61 -8.00
N HIS A 189 -34.47 -28.28 -8.08
CA HIS A 189 -33.75 -28.73 -6.90
C HIS A 189 -33.28 -27.54 -6.02
N LEU A 190 -32.73 -26.50 -6.66
CA LEU A 190 -32.28 -25.29 -5.94
C LEU A 190 -33.43 -24.57 -5.26
N GLU A 191 -34.61 -24.57 -5.93
CA GLU A 191 -35.79 -23.93 -5.35
C GLU A 191 -36.22 -24.62 -4.07
N ARG A 192 -36.17 -25.98 -4.02
CA ARG A 192 -36.51 -26.76 -2.82
C ARG A 192 -35.46 -26.52 -1.73
N LEU A 193 -34.17 -26.50 -2.13
CA LEU A 193 -33.05 -26.25 -1.20
C LEU A 193 -33.12 -24.83 -0.60
N GLN A 194 -33.50 -23.85 -1.41
CA GLN A 194 -33.67 -22.48 -0.93
C GLN A 194 -34.82 -22.40 0.11
N ARG A 195 -35.90 -23.20 -0.06
CA ARG A 195 -36.96 -23.19 0.97
C ARG A 195 -36.50 -23.79 2.31
N LYS A 196 -35.64 -24.81 2.28
CA LYS A 196 -35.16 -25.45 3.50
C LYS A 196 -34.01 -24.66 4.14
N HIS A 197 -33.05 -24.20 3.31
CA HIS A 197 -31.80 -23.59 3.82
C HIS A 197 -31.57 -22.12 3.53
N GLY A 198 -32.50 -21.50 2.80
CA GLY A 198 -32.35 -20.10 2.42
C GLY A 198 -31.22 -19.86 1.44
N GLY A 199 -30.68 -18.65 1.48
CA GLY A 199 -29.61 -18.29 0.56
C GLY A 199 -30.13 -17.88 -0.82
N MET A 200 -29.18 -17.60 -1.72
CA MET A 200 -29.49 -17.19 -3.09
CA MET A 200 -29.46 -17.12 -3.07
C MET A 200 -28.32 -17.55 -4.00
N LEU A 201 -28.55 -17.54 -5.34
CA LEU A 201 -27.55 -17.86 -6.36
C LEU A 201 -26.94 -16.57 -6.86
N VAL A 202 -25.61 -16.53 -6.94
N VAL A 202 -25.60 -16.51 -6.91
CA VAL A 202 -24.87 -15.34 -7.39
CA VAL A 202 -24.87 -15.30 -7.35
C VAL A 202 -23.85 -15.70 -8.46
C VAL A 202 -23.81 -15.66 -8.40
N ARG A 203 -23.55 -14.74 -9.35
CA ARG A 203 -22.55 -14.92 -10.39
C ARG A 203 -21.31 -14.15 -9.94
N ASN A 204 -20.15 -14.83 -9.95
CA ASN A 204 -18.89 -14.23 -9.57
C ASN A 204 -18.23 -13.71 -10.88
N PRO A 205 -17.89 -12.41 -10.96
CA PRO A 205 -17.33 -11.87 -12.22
C PRO A 205 -15.94 -12.35 -12.56
N LEU A 206 -15.29 -13.10 -11.63
CA LEU A 206 -13.98 -13.69 -11.88
C LEU A 206 -14.16 -15.01 -12.66
N SER A 207 -15.41 -15.49 -12.76
CA SER A 207 -15.70 -16.70 -13.55
C SER A 207 -15.52 -16.39 -15.03
N ARG A 208 -14.93 -17.31 -15.80
CA ARG A 208 -14.73 -17.14 -17.25
CA ARG A 208 -14.74 -17.10 -17.23
C ARG A 208 -16.10 -17.18 -17.94
N ASN A 209 -16.21 -16.60 -19.15
CA ASN A 209 -17.50 -16.65 -19.87
C ASN A 209 -17.80 -18.05 -20.43
N SER A 210 -16.79 -18.91 -20.44
CA SER A 210 -16.86 -20.29 -20.93
C SER A 210 -17.54 -21.22 -19.91
N THR A 211 -17.92 -20.68 -18.73
CA THR A 211 -18.67 -21.43 -17.71
C THR A 211 -19.87 -20.65 -17.23
N HIS A 212 -21.00 -21.32 -17.02
CA HIS A 212 -22.20 -20.65 -16.52
C HIS A 212 -22.32 -20.85 -15.02
N GLU A 213 -21.21 -21.25 -14.35
CA GLU A 213 -21.28 -21.50 -12.91
C GLU A 213 -21.80 -20.34 -12.08
N MET A 214 -22.58 -20.66 -11.06
CA MET A 214 -23.07 -19.66 -10.11
C MET A 214 -22.85 -20.26 -8.73
N TYR A 215 -22.93 -19.45 -7.69
CA TYR A 215 -22.70 -19.94 -6.34
C TYR A 215 -23.88 -19.73 -5.46
N TRP A 216 -24.26 -20.77 -4.72
CA TRP A 216 -25.35 -20.71 -3.75
C TRP A 216 -24.70 -20.29 -2.44
N ILE A 217 -24.98 -19.05 -2.02
CA ILE A 217 -24.40 -18.42 -0.84
C ILE A 217 -25.51 -18.27 0.20
N SER A 218 -25.15 -18.33 1.47
CA SER A 218 -26.13 -18.33 2.54
C SER A 218 -26.79 -17.00 2.84
N ASN A 219 -26.07 -15.89 2.64
CA ASN A 219 -26.59 -14.58 3.07
C ASN A 219 -27.21 -13.79 1.97
N GLY A 220 -28.49 -14.01 1.79
CA GLY A 220 -29.25 -13.28 0.80
C GLY A 220 -30.47 -14.05 0.41
N THR A 221 -31.34 -13.39 -0.35
CA THR A 221 -32.58 -13.99 -0.86
C THR A 221 -32.77 -13.50 -2.28
N GLY A 222 -33.72 -14.08 -2.97
CA GLY A 222 -33.96 -13.64 -4.34
C GLY A 222 -34.53 -14.73 -5.18
N ASN A 223 -34.83 -14.38 -6.41
CA ASN A 223 -35.45 -15.29 -7.36
C ASN A 223 -34.37 -16.03 -8.13
N ILE A 224 -34.29 -17.37 -7.95
CA ILE A 224 -33.27 -18.17 -8.62
C ILE A 224 -33.42 -18.14 -10.14
N VAL A 225 -34.65 -18.33 -10.66
CA VAL A 225 -34.90 -18.28 -12.13
C VAL A 225 -34.43 -16.94 -12.73
N SER A 226 -34.78 -15.82 -12.09
CA SER A 226 -34.36 -14.49 -12.57
C SER A 226 -32.83 -14.36 -12.56
N SER A 227 -32.17 -14.73 -11.45
CA SER A 227 -30.69 -14.66 -11.38
C SER A 227 -29.99 -15.48 -12.44
N VAL A 228 -30.47 -16.72 -12.70
CA VAL A 228 -29.88 -17.62 -13.70
C VAL A 228 -30.04 -17.03 -15.10
N ASN A 229 -31.27 -16.63 -15.45
CA ASN A 229 -31.54 -16.06 -16.77
C ASN A 229 -30.80 -14.75 -17.05
N MET A 230 -30.56 -13.91 -16.00
CA MET A 230 -29.80 -12.66 -16.16
CA MET A 230 -29.81 -12.66 -16.20
C MET A 230 -28.36 -12.97 -16.58
N VAL A 231 -27.78 -14.09 -16.04
CA VAL A 231 -26.43 -14.50 -16.39
C VAL A 231 -26.47 -15.05 -17.80
N SER A 232 -27.50 -15.85 -18.15
CA SER A 232 -27.57 -16.41 -19.52
C SER A 232 -27.55 -15.29 -20.57
N ARG A 233 -28.34 -14.22 -20.31
CA ARG A 233 -28.46 -13.04 -21.19
C ARG A 233 -27.09 -12.35 -21.32
N LEU A 234 -26.40 -12.12 -20.17
CA LEU A 234 -25.05 -11.53 -20.13
C LEU A 234 -24.09 -12.34 -20.97
N LEU A 235 -24.06 -13.69 -20.74
CA LEU A 235 -23.15 -14.56 -21.48
C LEU A 235 -23.48 -14.63 -22.96
N LEU A 236 -24.77 -14.55 -23.30
CA LEU A 236 -25.20 -14.55 -24.71
C LEU A 236 -24.74 -13.27 -25.40
N ASN A 237 -24.92 -12.10 -24.74
CA ASN A 237 -24.50 -10.79 -25.26
C ASN A 237 -22.99 -10.70 -25.47
N ARG A 238 -22.23 -11.40 -24.61
CA ARG A 238 -20.78 -11.43 -24.71
C ARG A 238 -20.23 -12.14 -25.95
N PHE A 239 -21.05 -12.98 -26.65
CA PHE A 239 -20.56 -13.64 -27.88
C PHE A 239 -20.37 -12.58 -29.01
N THR A 240 -21.30 -11.62 -29.10
CA THR A 240 -21.37 -10.60 -30.18
C THR A 240 -20.73 -9.25 -29.85
N MET A 241 -20.56 -8.98 -28.55
CA MET A 241 -19.95 -7.78 -27.98
C MET A 241 -18.53 -7.65 -28.53
N THR A 242 -18.07 -6.40 -28.80
CA THR A 242 -16.69 -6.17 -29.26
C THR A 242 -15.78 -6.68 -28.13
N HIS A 243 -14.75 -7.49 -28.47
CA HIS A 243 -13.84 -8.06 -27.48
C HIS A 243 -13.27 -6.99 -26.55
N ARG A 244 -13.42 -7.23 -25.24
CA ARG A 244 -12.95 -6.36 -24.18
C ARG A 244 -11.89 -7.13 -23.40
N ARG A 245 -10.74 -6.50 -23.19
CA ARG A 245 -9.65 -7.11 -22.42
C ARG A 245 -10.10 -7.25 -20.95
N PRO A 246 -9.75 -8.36 -20.24
CA PRO A 246 -10.19 -8.48 -18.85
C PRO A 246 -9.70 -7.37 -17.93
N THR A 247 -10.54 -7.00 -16.96
CA THR A 247 -10.23 -6.01 -15.93
C THR A 247 -9.24 -6.69 -14.99
N ILE A 248 -8.01 -6.15 -14.89
CA ILE A 248 -7.00 -6.78 -14.05
C ILE A 248 -7.03 -6.21 -12.65
N GLU A 249 -6.98 -7.11 -11.66
CA GLU A 249 -6.95 -6.72 -10.25
C GLU A 249 -5.69 -7.28 -9.61
N LYS A 250 -5.25 -6.65 -8.52
CA LYS A 250 -4.11 -7.13 -7.76
C LYS A 250 -4.56 -8.38 -7.01
N ASP A 251 -3.69 -9.38 -6.97
CA ASP A 251 -4.01 -10.62 -6.26
C ASP A 251 -3.90 -10.40 -4.76
N VAL A 252 -4.41 -11.34 -3.98
CA VAL A 252 -4.40 -11.27 -2.53
C VAL A 252 -2.98 -11.42 -1.92
N ASP A 253 -2.81 -10.87 -0.70
CA ASP A 253 -1.63 -11.07 0.10
C ASP A 253 -2.14 -11.66 1.40
N LEU A 254 -1.86 -12.95 1.60
CA LEU A 254 -2.35 -13.68 2.76
C LEU A 254 -1.42 -13.68 3.97
N GLY A 255 -0.42 -12.80 3.94
CA GLY A 255 0.47 -12.64 5.09
C GLY A 255 1.34 -13.83 5.45
N ALA A 256 1.76 -13.85 6.72
CA ALA A 256 2.70 -14.87 7.19
C ALA A 256 2.52 -15.16 8.63
N GLY A 257 2.88 -16.36 9.00
CA GLY A 257 3.01 -16.75 10.40
C GLY A 257 1.83 -17.29 11.14
N THR A 258 2.08 -17.72 12.39
N THR A 258 2.08 -17.62 12.41
CA THR A 258 1.03 -18.26 13.23
CA THR A 258 1.14 -18.19 13.34
C THR A 258 0.03 -17.20 13.62
C THR A 258 0.08 -17.20 13.80
N ARG A 259 -1.20 -17.65 13.85
CA ARG A 259 -2.33 -16.81 14.28
C ARG A 259 -2.74 -17.28 15.66
N HIS A 260 -2.78 -16.34 16.61
CA HIS A 260 -3.25 -16.60 17.96
C HIS A 260 -4.53 -15.77 18.09
N VAL A 261 -5.70 -16.40 17.85
CA VAL A 261 -7.00 -15.69 17.89
C VAL A 261 -7.26 -14.91 19.19
N ASN A 262 -6.78 -15.44 20.34
CA ASN A 262 -7.01 -14.79 21.64
C ASN A 262 -6.14 -13.55 21.82
N ALA A 263 -5.07 -13.41 21.02
CA ALA A 263 -4.14 -12.29 21.08
C ALA A 263 -4.58 -11.16 20.14
N GLU A 264 -5.49 -11.45 19.20
CA GLU A 264 -5.90 -10.42 18.22
C GLU A 264 -6.75 -9.26 18.82
N PRO A 265 -7.84 -9.50 19.63
CA PRO A 265 -8.70 -8.37 20.05
C PRO A 265 -8.05 -7.19 20.72
N GLU A 266 -8.56 -6.00 20.35
CA GLU A 266 -8.13 -4.72 20.92
C GLU A 266 -9.01 -4.38 22.12
N THR A 267 -8.39 -3.97 23.25
CA THR A 267 -9.15 -3.53 24.41
C THR A 267 -9.03 -2.00 24.42
N PRO A 268 -10.09 -1.26 24.06
CA PRO A 268 -9.93 0.21 23.99
C PRO A 268 -9.93 0.93 25.33
N ASN A 269 -9.38 2.14 25.36
CA ASN A 269 -9.35 2.98 26.55
CA ASN A 269 -9.39 2.95 26.57
C ASN A 269 -10.57 3.91 26.44
N MET A 270 -11.76 3.44 26.86
CA MET A 270 -12.99 4.21 26.73
C MET A 270 -13.00 5.56 27.42
N ASP A 271 -12.28 5.70 28.55
CA ASP A 271 -12.17 6.98 29.25
C ASP A 271 -11.49 7.99 28.32
N VAL A 272 -10.54 7.53 27.52
CA VAL A 272 -9.81 8.41 26.62
C VAL A 272 -10.54 8.69 25.32
N ILE A 273 -11.10 7.65 24.66
CA ILE A 273 -11.70 7.85 23.34
C ILE A 273 -13.23 8.05 23.34
N GLY A 274 -13.88 7.81 24.47
CA GLY A 274 -15.34 7.88 24.62
C GLY A 274 -15.97 9.14 24.06
N GLU A 275 -15.40 10.34 24.37
CA GLU A 275 -15.96 11.60 23.90
C GLU A 275 -15.93 11.73 22.39
N ARG A 276 -14.80 11.35 21.73
CA ARG A 276 -14.72 11.43 20.26
C ARG A 276 -15.83 10.57 19.62
N ILE A 277 -16.02 9.36 20.12
CA ILE A 277 -17.04 8.44 19.57
C ILE A 277 -18.45 9.06 19.78
N LYS A 278 -18.69 9.60 20.98
CA LYS A 278 -19.95 10.26 21.33
C LYS A 278 -20.28 11.41 20.35
N ARG A 279 -19.30 12.26 20.01
CA ARG A 279 -19.53 13.37 19.08
C ARG A 279 -19.78 12.92 17.65
N ILE A 280 -19.07 11.85 17.20
CA ILE A 280 -19.29 11.35 15.84
C ILE A 280 -20.70 10.77 15.79
N LYS A 281 -21.08 10.03 16.83
CA LYS A 281 -22.41 9.40 16.95
C LYS A 281 -23.51 10.49 16.87
N GLU A 282 -23.36 11.56 17.66
CA GLU A 282 -24.30 12.70 17.67
C GLU A 282 -24.41 13.37 16.30
N GLU A 283 -23.26 13.64 15.66
CA GLU A 283 -23.20 14.24 14.34
C GLU A 283 -23.87 13.43 13.20
N HIS A 284 -23.82 12.09 13.29
CA HIS A 284 -24.36 11.20 12.27
C HIS A 284 -25.44 10.32 12.89
N ASN A 285 -26.17 10.87 13.89
CA ASN A 285 -27.12 10.10 14.70
C ASN A 285 -28.23 9.45 13.90
N SER A 286 -28.65 10.07 12.78
CA SER A 286 -29.76 9.54 11.97
C SER A 286 -29.48 8.22 11.27
N THR A 287 -28.18 7.87 11.07
CA THR A 287 -27.84 6.58 10.44
C THR A 287 -26.87 5.74 11.28
N TRP A 288 -26.56 6.20 12.51
CA TRP A 288 -25.65 5.49 13.41
C TRP A 288 -26.18 4.14 13.77
N HIS A 289 -25.33 3.14 13.63
CA HIS A 289 -25.67 1.75 13.94
C HIS A 289 -24.45 1.00 14.45
N TYR A 290 -24.69 -0.18 15.04
CA TYR A 290 -23.61 -1.04 15.54
C TYR A 290 -23.64 -2.37 14.80
N ASP A 291 -22.70 -2.50 13.87
CA ASP A 291 -22.62 -3.64 12.98
C ASP A 291 -21.77 -4.77 13.54
N ASP A 292 -22.44 -5.82 14.02
CA ASP A 292 -21.78 -7.02 14.57
C ASP A 292 -21.04 -7.82 13.55
N GLU A 293 -21.30 -7.57 12.25
CA GLU A 293 -20.68 -8.28 11.14
C GLU A 293 -19.43 -7.58 10.66
N ASN A 294 -18.98 -6.56 11.40
CA ASN A 294 -17.75 -5.85 11.03
C ASN A 294 -16.54 -6.85 10.99
N PRO A 295 -15.53 -6.58 10.15
CA PRO A 295 -14.45 -7.56 9.96
C PRO A 295 -13.19 -7.41 10.84
N TYR A 296 -13.17 -6.34 11.67
CA TYR A 296 -11.96 -5.94 12.43
C TYR A 296 -11.48 -6.91 13.46
N LYS A 297 -10.28 -7.44 13.25
CA LYS A 297 -9.70 -8.42 14.18
C LYS A 297 -8.90 -7.77 15.30
N THR A 298 -8.10 -6.73 14.97
CA THR A 298 -7.15 -6.20 15.95
C THR A 298 -7.34 -4.73 16.21
N TRP A 299 -8.40 -4.15 15.62
CA TRP A 299 -8.83 -2.75 15.89
C TRP A 299 -10.18 -2.83 16.60
N ALA A 300 -10.38 -2.01 17.64
CA ALA A 300 -11.68 -2.01 18.36
C ALA A 300 -12.70 -1.34 17.49
N TYR A 301 -13.91 -1.93 17.40
CA TYR A 301 -14.97 -1.39 16.56
C TYR A 301 -16.00 -0.70 17.45
N HIS A 302 -16.39 0.52 17.09
CA HIS A 302 -17.30 1.32 17.92
C HIS A 302 -18.67 1.62 17.33
N GLY A 303 -18.79 1.51 16.02
CA GLY A 303 -20.05 1.80 15.35
C GLY A 303 -19.84 2.26 13.93
N SER A 304 -20.94 2.52 13.22
CA SER A 304 -20.88 2.90 11.81
C SER A 304 -21.98 3.88 11.50
N TYR A 305 -21.81 4.65 10.44
CA TYR A 305 -22.88 5.47 9.90
C TYR A 305 -22.92 5.32 8.40
N GLU A 306 -24.05 5.65 7.75
CA GLU A 306 -24.16 5.47 6.31
C GLU A 306 -23.54 6.63 5.53
N VAL A 307 -22.87 6.31 4.42
CA VAL A 307 -22.22 7.30 3.54
C VAL A 307 -22.38 6.91 2.07
N LYS A 308 -22.08 7.83 1.15
CA LYS A 308 -21.98 7.49 -0.28
C LYS A 308 -20.52 7.01 -0.47
N ALA A 309 -20.29 6.04 -1.36
CA ALA A 309 -18.94 5.55 -1.65
C ALA A 309 -18.07 6.62 -2.31
N THR A 310 -16.80 6.72 -1.85
CA THR A 310 -15.73 7.60 -2.38
C THR A 310 -14.66 6.70 -3.05
N GLY A 311 -13.84 7.26 -3.94
CA GLY A 311 -12.75 6.54 -4.58
C GLY A 311 -13.03 5.94 -5.95
N SER A 312 -11.98 5.35 -6.54
CA SER A 312 -12.04 4.77 -7.88
C SER A 312 -11.17 3.51 -7.99
N ALA A 313 -11.51 2.61 -8.93
CA ALA A 313 -10.79 1.34 -9.17
C ALA A 313 -9.39 1.58 -9.77
N SER A 314 -9.27 2.61 -10.64
CA SER A 314 -8.04 3.01 -11.34
C SER A 314 -7.89 4.55 -11.35
N SER A 315 -6.66 5.04 -11.61
CA SER A 315 -6.30 6.47 -11.66
C SER A 315 -6.66 7.12 -13.02
N MET A 316 -6.87 8.45 -13.03
CA MET A 316 -7.17 9.24 -14.25
C MET A 316 -5.87 9.37 -15.06
N ILE A 317 -5.97 9.39 -16.40
CA ILE A 317 -4.83 9.45 -17.33
C ILE A 317 -4.56 10.84 -17.91
N ASN A 318 -3.28 11.26 -17.92
CA ASN A 318 -2.87 12.55 -18.49
C ASN A 318 -2.73 12.35 -20.00
N GLY A 319 -3.71 12.84 -20.76
CA GLY A 319 -3.77 12.70 -22.22
C GLY A 319 -2.65 13.37 -22.98
N VAL A 320 -2.15 14.53 -22.49
CA VAL A 320 -1.05 15.29 -23.06
C VAL A 320 0.24 14.44 -22.98
N VAL A 321 0.55 13.92 -21.76
CA VAL A 321 1.75 13.09 -21.58
C VAL A 321 1.63 11.77 -22.35
N LYS A 322 0.42 11.14 -22.35
CA LYS A 322 0.17 9.90 -23.09
C LYS A 322 0.40 10.12 -24.61
N LEU A 323 -0.05 11.27 -25.17
CA LEU A 323 0.10 11.57 -26.61
C LEU A 323 1.58 11.67 -27.03
N LEU A 324 2.44 12.08 -26.10
CA LEU A 324 3.89 12.27 -26.34
C LEU A 324 4.74 11.13 -25.84
N THR A 325 4.13 9.99 -25.42
CA THR A 325 4.83 8.82 -24.90
C THR A 325 4.22 7.53 -25.45
N LYS A 326 3.87 7.53 -26.76
CA LYS A 326 3.27 6.39 -27.45
C LYS A 326 3.93 5.01 -27.22
N PRO A 327 5.29 4.84 -27.30
CA PRO A 327 5.88 3.50 -27.09
C PRO A 327 5.56 2.85 -25.74
N TRP A 328 5.18 3.68 -24.75
CA TRP A 328 4.89 3.23 -23.39
C TRP A 328 3.45 2.78 -23.15
N ASP A 329 2.58 2.90 -24.19
CA ASP A 329 1.18 2.46 -24.13
C ASP A 329 1.05 0.95 -23.93
N VAL A 330 2.07 0.19 -24.40
CA VAL A 330 2.15 -1.29 -24.31
C VAL A 330 3.08 -1.80 -23.18
N VAL A 331 3.62 -0.90 -22.37
CA VAL A 331 4.54 -1.29 -21.31
C VAL A 331 3.76 -1.62 -20.02
N PRO A 332 3.85 -2.90 -19.55
CA PRO A 332 3.07 -3.33 -18.36
C PRO A 332 3.28 -2.51 -17.10
N MET A 333 4.56 -2.19 -16.75
CA MET A 333 4.91 -1.42 -15.56
CA MET A 333 4.87 -1.42 -15.54
C MET A 333 4.27 -0.01 -15.61
N VAL A 334 4.19 0.57 -16.82
CA VAL A 334 3.59 1.90 -17.03
C VAL A 334 2.08 1.85 -16.74
N THR A 335 1.40 0.78 -17.19
CA THR A 335 -0.04 0.58 -16.93
C THR A 335 -0.32 0.18 -15.47
N GLN A 336 0.56 -0.66 -14.86
CA GLN A 336 0.50 -1.10 -13.46
C GLN A 336 0.59 0.07 -12.47
N MET A 337 1.29 1.17 -12.85
CA MET A 337 1.42 2.41 -12.04
C MET A 337 0.03 3.01 -11.77
N ALA A 338 -0.84 3.02 -12.80
CA ALA A 338 -2.21 3.53 -12.74
C ALA A 338 -3.22 2.55 -12.07
N MET A 339 -2.72 1.39 -11.53
CA MET A 339 -3.53 0.39 -10.82
C MET A 339 -3.55 0.74 -9.32
N THR A 340 -4.54 1.52 -8.89
CA THR A 340 -4.72 1.87 -7.48
C THR A 340 -6.22 1.94 -7.23
N ASP A 341 -6.74 0.97 -6.44
CA ASP A 341 -8.17 0.87 -6.08
C ASP A 341 -8.41 1.58 -4.75
N THR A 342 -9.08 2.75 -4.81
CA THR A 342 -9.39 3.51 -3.61
C THR A 342 -10.89 3.44 -3.24
N THR A 343 -11.63 2.50 -3.85
CA THR A 343 -13.06 2.33 -3.52
C THR A 343 -13.14 1.68 -2.13
N PRO A 344 -14.34 1.61 -1.48
CA PRO A 344 -14.42 0.91 -0.20
C PRO A 344 -13.89 -0.53 -0.31
N PHE A 345 -14.03 -1.19 -1.50
CA PHE A 345 -13.47 -2.55 -1.70
C PHE A 345 -11.94 -2.58 -1.56
N GLY A 346 -11.26 -1.69 -2.28
CA GLY A 346 -9.80 -1.56 -2.24
C GLY A 346 -9.28 -1.23 -0.85
N GLN A 347 -9.92 -0.26 -0.16
CA GLN A 347 -9.58 0.17 1.21
C GLN A 347 -9.65 -1.01 2.19
N GLN A 348 -10.74 -1.79 2.12
CA GLN A 348 -10.90 -2.93 3.04
C GLN A 348 -9.85 -4.03 2.80
N ARG A 349 -9.46 -4.24 1.55
CA ARG A 349 -8.44 -5.28 1.22
C ARG A 349 -7.10 -4.88 1.81
N VAL A 350 -6.69 -3.61 1.65
CA VAL A 350 -5.45 -3.07 2.21
C VAL A 350 -5.50 -3.12 3.74
N PHE A 351 -6.66 -2.73 4.32
CA PHE A 351 -6.80 -2.76 5.77
C PHE A 351 -6.60 -4.18 6.29
N LYS A 352 -7.31 -5.17 5.71
CA LYS A 352 -7.15 -6.55 6.14
C LYS A 352 -5.70 -7.05 6.03
N GLU A 353 -5.11 -6.89 4.85
CA GLU A 353 -3.79 -7.43 4.52
C GLU A 353 -2.62 -6.78 5.22
N LYS A 354 -2.69 -5.46 5.35
CA LYS A 354 -1.59 -4.65 5.88
C LYS A 354 -1.76 -4.05 7.26
N VAL A 355 -2.99 -3.65 7.62
CA VAL A 355 -3.19 -2.86 8.86
C VAL A 355 -3.73 -3.63 10.04
N ASP A 356 -4.60 -4.64 9.76
CA ASP A 356 -5.29 -5.41 10.81
C ASP A 356 -4.40 -6.51 11.38
N THR A 357 -3.24 -6.12 11.95
CA THR A 357 -2.25 -7.05 12.47
C THR A 357 -1.85 -6.62 13.87
N ARG A 358 -1.24 -7.55 14.62
CA ARG A 358 -0.72 -7.17 15.94
C ARG A 358 0.71 -7.67 16.05
N THR A 359 1.57 -6.82 16.61
CA THR A 359 2.97 -7.11 16.81
C THR A 359 3.18 -7.60 18.25
N PRO A 360 3.89 -8.74 18.44
CA PRO A 360 4.15 -9.21 19.80
C PRO A 360 4.98 -8.21 20.59
N ARG A 361 4.76 -8.16 21.89
CA ARG A 361 5.51 -7.24 22.72
C ARG A 361 7.00 -7.66 22.71
N PRO A 362 7.94 -6.72 22.50
CA PRO A 362 9.36 -7.11 22.56
C PRO A 362 9.76 -7.63 23.96
N LEU A 363 10.85 -8.40 24.02
CA LEU A 363 11.39 -8.97 25.26
C LEU A 363 11.85 -7.84 26.23
N PRO A 364 11.96 -8.14 27.54
CA PRO A 364 12.35 -7.08 28.49
C PRO A 364 13.74 -6.47 28.27
N GLY A 365 14.69 -7.30 27.85
CA GLY A 365 16.04 -6.82 27.52
C GLY A 365 15.99 -5.94 26.28
N THR A 366 15.17 -6.33 25.29
CA THR A 366 15.01 -5.50 24.08
C THR A 366 14.39 -4.14 24.47
N ARG A 367 13.35 -4.16 25.31
CA ARG A 367 12.74 -2.90 25.78
C ARG A 367 13.76 -2.04 26.54
N LYS A 368 14.64 -2.67 27.36
CA LYS A 368 15.64 -1.92 28.10
C LYS A 368 16.62 -1.23 27.14
N VAL A 369 17.15 -1.97 26.15
CA VAL A 369 18.11 -1.39 25.17
CA VAL A 369 18.10 -1.38 25.19
C VAL A 369 17.46 -0.24 24.39
N MET A 370 16.20 -0.43 23.95
CA MET A 370 15.51 0.64 23.22
C MET A 370 15.36 1.89 24.10
N GLU A 371 15.00 1.73 25.38
CA GLU A 371 14.80 2.86 26.29
C GLU A 371 16.12 3.62 26.49
N ILE A 372 17.21 2.89 26.76
CA ILE A 372 18.51 3.54 26.93
C ILE A 372 18.89 4.31 25.66
N THR A 373 18.77 3.64 24.51
CA THR A 373 19.14 4.25 23.23
C THR A 373 18.29 5.49 22.93
N ALA A 374 16.96 5.38 23.13
CA ALA A 374 16.05 6.50 22.84
C ALA A 374 16.42 7.71 23.68
N GLU A 375 16.71 7.48 25.00
CA GLU A 375 17.06 8.61 25.88
C GLU A 375 18.33 9.30 25.40
N TRP A 376 19.32 8.52 25.02
CA TRP A 376 20.59 9.02 24.51
C TRP A 376 20.37 9.77 23.20
N LEU A 377 19.56 9.19 22.29
CA LEU A 377 19.28 9.82 21.00
C LEU A 377 18.57 11.16 21.17
N TRP A 378 17.54 11.22 22.02
CA TRP A 378 16.85 12.52 22.22
C TRP A 378 17.81 13.59 22.79
N ARG A 379 18.70 13.18 23.73
CA ARG A 379 19.67 14.14 24.29
C ARG A 379 20.61 14.63 23.18
N THR A 380 21.04 13.73 22.29
CA THR A 380 21.93 14.05 21.15
C THR A 380 21.22 15.03 20.20
N LEU A 381 19.96 14.72 19.84
CA LEU A 381 19.17 15.56 18.92
C LEU A 381 18.83 16.95 19.47
N GLY A 382 18.75 17.07 20.79
CA GLY A 382 18.42 18.35 21.42
C GLY A 382 19.64 19.08 21.97
N ARG A 383 20.85 18.70 21.52
CA ARG A 383 22.07 19.33 22.07
C ARG A 383 22.18 20.83 21.76
N ASN A 384 21.74 21.25 20.56
CA ASN A 384 21.77 22.66 20.09
C ASN A 384 20.41 23.32 20.09
N LYS A 385 19.38 22.59 19.61
CA LYS A 385 18.03 23.08 19.44
C LYS A 385 17.17 22.79 20.65
N ARG A 386 16.11 23.63 20.85
CA ARG A 386 15.09 23.37 21.86
C ARG A 386 13.77 23.10 21.08
N PRO A 387 12.92 22.20 21.58
CA PRO A 387 11.60 22.04 20.94
C PRO A 387 10.86 23.38 21.07
N ARG A 388 9.94 23.67 20.17
CA ARG A 388 9.17 24.90 20.32
C ARG A 388 7.76 24.64 19.80
N LEU A 389 6.83 25.49 20.22
CA LEU A 389 5.47 25.46 19.75
C LEU A 389 5.45 26.12 18.38
N CYS A 390 4.64 25.60 17.46
CA CYS A 390 4.39 26.23 16.17
C CYS A 390 3.07 27.02 16.34
N THR A 391 2.75 27.91 15.41
CA THR A 391 1.59 28.79 15.61
C THR A 391 0.59 28.81 14.46
N ARG A 392 -0.57 29.45 14.71
CA ARG A 392 -1.62 29.72 13.72
C ARG A 392 -0.99 30.39 12.49
N GLU A 393 -0.21 31.46 12.71
CA GLU A 393 0.45 32.22 11.63
C GLU A 393 1.32 31.31 10.77
N GLU A 394 2.13 30.46 11.41
CA GLU A 394 3.00 29.51 10.71
C GLU A 394 2.22 28.45 9.90
N PHE A 395 1.18 27.83 10.49
CA PHE A 395 0.32 26.84 9.82
C PHE A 395 -0.38 27.47 8.61
N THR A 396 -0.91 28.69 8.78
CA THR A 396 -1.60 29.45 7.73
C THR A 396 -0.65 29.64 6.53
N LYS A 397 0.60 30.05 6.80
CA LYS A 397 1.65 30.22 5.79
C LYS A 397 1.94 28.94 5.00
N LYS A 398 2.01 27.75 5.67
CA LYS A 398 2.27 26.46 5.02
C LYS A 398 1.11 26.03 4.13
N VAL A 399 -0.13 26.27 4.59
CA VAL A 399 -1.35 25.94 3.84
C VAL A 399 -1.44 26.77 2.55
N ARG A 400 -1.23 28.09 2.66
CA ARG A 400 -1.26 29.07 1.56
C ARG A 400 -0.21 28.78 0.48
N THR A 401 1.02 28.44 0.89
CA THR A 401 2.16 28.17 0.00
C THR A 401 2.31 26.71 -0.46
N ASN A 402 1.23 25.92 -0.46
CA ASN A 402 1.31 24.53 -0.91
C ASN A 402 0.41 24.22 -2.10
N TRP A 415 -6.77 21.73 -0.80
CA TRP A 415 -5.89 22.88 -0.60
C TRP A 415 -6.70 24.17 -0.63
N ASP A 416 -7.63 24.28 -1.59
CA ASP A 416 -8.53 25.42 -1.78
C ASP A 416 -9.47 25.56 -0.58
N SER A 417 -9.90 24.42 -0.01
CA SER A 417 -10.78 24.39 1.16
C SER A 417 -9.95 24.68 2.41
N ALA A 418 -8.69 24.20 2.44
CA ALA A 418 -7.74 24.43 3.54
C ALA A 418 -7.43 25.92 3.61
N LYS A 419 -7.22 26.56 2.43
CA LYS A 419 -6.98 28.00 2.33
C LYS A 419 -8.17 28.80 2.84
N ALA A 420 -9.41 28.37 2.50
CA ALA A 420 -10.64 29.02 2.95
C ALA A 420 -10.78 28.87 4.47
N ALA A 421 -10.52 27.65 4.97
CA ALA A 421 -10.59 27.29 6.39
C ALA A 421 -9.67 28.12 7.26
N VAL A 422 -8.35 28.20 6.92
CA VAL A 422 -7.36 28.98 7.68
C VAL A 422 -7.63 30.50 7.70
N GLU A 423 -8.45 30.96 6.75
CA GLU A 423 -8.86 32.36 6.63
C GLU A 423 -10.15 32.60 7.42
N ASP A 424 -10.82 31.52 7.84
CA ASP A 424 -12.04 31.58 8.61
C ASP A 424 -11.80 31.68 10.10
N GLU A 425 -12.29 32.77 10.73
CA GLU A 425 -12.20 32.94 12.18
C GLU A 425 -12.93 31.82 12.95
N GLU A 426 -13.98 31.23 12.34
CA GLU A 426 -14.74 30.12 12.96
C GLU A 426 -13.89 28.86 13.10
N PHE A 427 -12.98 28.64 12.16
CA PHE A 427 -12.10 27.48 12.17
C PHE A 427 -11.16 27.56 13.39
N TRP A 428 -10.57 28.74 13.63
CA TRP A 428 -9.65 28.98 14.76
C TRP A 428 -10.39 29.00 16.09
N LYS A 429 -11.69 29.40 16.09
CA LYS A 429 -12.50 29.37 17.33
C LYS A 429 -12.68 27.88 17.72
N LEU A 430 -12.90 27.01 16.73
CA LEU A 430 -13.04 25.57 16.97
C LEU A 430 -11.71 24.96 17.48
N VAL A 431 -10.59 25.38 16.91
CA VAL A 431 -9.24 24.96 17.31
C VAL A 431 -9.04 25.31 18.77
N ASP A 432 -9.39 26.56 19.15
CA ASP A 432 -9.21 27.02 20.54
C ASP A 432 -10.00 26.20 21.52
N ARG A 433 -11.26 25.89 21.19
CA ARG A 433 -12.11 25.10 22.05
C ARG A 433 -11.49 23.72 22.26
N GLU A 434 -10.98 23.09 21.20
CA GLU A 434 -10.37 21.77 21.30
C GLU A 434 -9.06 21.85 22.10
N ARG A 435 -8.28 22.90 21.87
CA ARG A 435 -7.02 23.07 22.61
C ARG A 435 -7.30 23.14 24.11
N GLU A 436 -8.39 23.83 24.52
CA GLU A 436 -8.73 23.91 25.94
C GLU A 436 -9.06 22.56 26.53
N LEU A 437 -9.68 21.66 25.73
CA LEU A 437 -9.95 20.30 26.21
C LEU A 437 -8.60 19.57 26.37
N HIS A 438 -7.72 19.68 25.35
CA HIS A 438 -6.42 19.02 25.44
C HIS A 438 -5.62 19.42 26.70
N LYS A 439 -5.69 20.71 27.08
CA LYS A 439 -4.96 21.19 28.28
C LYS A 439 -5.49 20.54 29.55
N LEU A 440 -6.76 20.07 29.53
CA LEU A 440 -7.45 19.40 30.64
C LEU A 440 -7.31 17.85 30.55
N GLY A 441 -6.59 17.36 29.51
CA GLY A 441 -6.37 15.94 29.32
C GLY A 441 -7.57 15.22 28.71
N LYS A 442 -8.31 15.94 27.86
CA LYS A 442 -9.52 15.43 27.16
C LYS A 442 -9.42 15.74 25.64
N CYS A 443 -9.97 14.86 24.80
CA CYS A 443 -9.99 15.11 23.34
C CYS A 443 -11.43 14.87 22.91
N GLY A 444 -12.01 15.82 22.20
CA GLY A 444 -13.38 15.67 21.75
C GLY A 444 -13.56 15.44 20.27
N SER A 445 -12.66 15.97 19.45
CA SER A 445 -12.85 15.91 18.00
C SER A 445 -11.68 15.47 17.13
N CYS A 446 -10.61 14.92 17.71
CA CYS A 446 -9.43 14.58 16.90
C CYS A 446 -9.48 13.17 16.35
N VAL A 447 -9.92 13.07 15.08
CA VAL A 447 -10.09 11.78 14.38
C VAL A 447 -9.33 11.82 13.06
N TYR A 448 -8.77 10.67 12.63
CA TYR A 448 -8.15 10.63 11.30
C TYR A 448 -8.84 9.64 10.36
N ASN A 449 -8.54 9.72 9.07
CA ASN A 449 -9.19 8.82 8.09
C ASN A 449 -8.15 7.85 7.55
N MET A 450 -8.56 6.61 7.33
CA MET A 450 -7.66 5.59 6.80
C MET A 450 -7.36 5.79 5.31
N SER A 467 -19.46 17.93 4.61
CA SER A 467 -19.69 18.81 5.75
C SER A 467 -18.43 19.60 6.12
N ARG A 468 -18.58 20.93 6.31
CA ARG A 468 -17.46 21.80 6.68
C ARG A 468 -17.05 21.60 8.14
N ALA A 469 -18.00 21.20 9.02
CA ALA A 469 -17.75 20.94 10.45
C ALA A 469 -16.83 19.73 10.59
N ILE A 470 -17.05 18.68 9.76
CA ILE A 470 -16.24 17.46 9.73
C ILE A 470 -14.83 17.84 9.23
N TRP A 471 -14.75 18.66 8.16
CA TRP A 471 -13.51 19.15 7.57
C TRP A 471 -12.75 20.08 8.53
N TYR A 472 -13.49 20.95 9.27
CA TYR A 472 -12.87 21.89 10.22
C TYR A 472 -12.30 21.14 11.41
N MET A 473 -12.97 20.07 11.84
CA MET A 473 -12.52 19.23 12.95
C MET A 473 -11.26 18.47 12.53
N TRP A 474 -11.25 17.96 11.28
CA TRP A 474 -10.10 17.22 10.73
C TRP A 474 -8.87 18.12 10.58
N LEU A 475 -9.00 19.28 9.91
CA LEU A 475 -7.91 20.22 9.70
C LEU A 475 -7.44 20.81 11.05
N GLY A 476 -8.39 21.01 11.96
CA GLY A 476 -8.15 21.47 13.33
C GLY A 476 -7.30 20.49 14.12
N VAL A 477 -7.56 19.18 13.97
CA VAL A 477 -6.80 18.09 14.59
C VAL A 477 -5.35 18.19 14.06
N ARG A 478 -5.19 18.28 12.74
CA ARG A 478 -3.85 18.39 12.13
C ARG A 478 -3.12 19.63 12.61
N TYR A 479 -3.87 20.76 12.76
CA TYR A 479 -3.25 21.98 13.30
C TYR A 479 -2.72 21.70 14.73
N LEU A 480 -3.56 21.09 15.61
CA LEU A 480 -3.10 20.87 17.00
C LEU A 480 -1.86 19.99 17.08
N GLU A 481 -1.78 19.00 16.18
CA GLU A 481 -0.61 18.13 16.09
C GLU A 481 0.62 18.95 15.63
N PHE A 482 0.42 19.81 14.64
CA PHE A 482 1.47 20.70 14.11
C PHE A 482 1.95 21.67 15.18
N GLU A 483 0.99 22.22 15.94
CA GLU A 483 1.33 23.16 17.01
C GLU A 483 2.31 22.49 18.00
N ALA A 484 2.01 21.27 18.38
CA ALA A 484 2.80 20.56 19.37
C ALA A 484 4.05 19.84 18.86
N LEU A 485 4.01 19.26 17.65
CA LEU A 485 5.11 18.44 17.13
C LEU A 485 5.67 18.90 15.80
N GLY A 486 5.12 19.98 15.24
CA GLY A 486 5.61 20.51 13.97
C GLY A 486 7.07 20.91 13.97
N PHE A 487 7.60 21.26 15.16
CA PHE A 487 9.00 21.69 15.30
C PHE A 487 9.96 20.65 14.75
N LEU A 488 9.62 19.35 14.84
CA LEU A 488 10.57 18.33 14.35
C LEU A 488 10.89 18.55 12.89
N ASN A 489 9.87 18.86 12.08
CA ASN A 489 10.12 19.10 10.66
C ASN A 489 10.45 20.56 10.40
N GLU A 490 9.67 21.51 10.96
CA GLU A 490 9.89 22.95 10.66
C GLU A 490 11.29 23.42 11.03
N ASP A 491 11.81 22.89 12.14
CA ASP A 491 13.13 23.26 12.62
C ASP A 491 14.23 22.26 12.27
N HIS A 492 13.94 21.34 11.32
CA HIS A 492 14.93 20.43 10.73
C HIS A 492 15.70 19.59 11.78
N TRP A 493 14.98 18.98 12.71
CA TRP A 493 15.65 18.15 13.72
C TRP A 493 16.37 16.96 13.08
N PHE A 494 15.90 16.51 11.90
CA PHE A 494 16.50 15.37 11.22
C PHE A 494 17.36 15.79 10.04
N SER A 495 17.87 17.06 10.07
CA SER A 495 18.84 17.49 9.06
C SER A 495 20.09 16.63 9.32
N ARG A 496 20.93 16.44 8.32
CA ARG A 496 22.14 15.63 8.55
C ARG A 496 23.06 16.28 9.60
N GLU A 497 23.14 17.63 9.63
CA GLU A 497 23.95 18.30 10.64
C GLU A 497 23.42 18.06 12.07
N ASN A 498 22.10 18.08 12.25
CA ASN A 498 21.59 17.92 13.61
C ASN A 498 21.53 16.46 14.07
N SER A 499 21.26 15.55 13.15
CA SER A 499 21.01 14.17 13.54
C SER A 499 22.07 13.16 13.14
N TYR A 500 23.05 13.54 12.28
CA TYR A 500 24.13 12.67 11.79
C TYR A 500 23.65 11.66 10.75
N SER A 501 22.56 10.89 11.05
CA SER A 501 22.00 9.91 10.12
C SER A 501 20.95 10.50 9.18
N GLY A 502 20.29 11.59 9.62
CA GLY A 502 19.19 12.19 8.89
C GLY A 502 19.57 12.80 7.57
N VAL A 503 18.54 13.05 6.74
CA VAL A 503 18.72 13.64 5.43
C VAL A 503 17.59 14.64 5.19
N GLU A 504 16.89 15.05 6.26
CA GLU A 504 15.76 15.97 6.08
C GLU A 504 16.27 17.32 5.59
N GLY A 505 15.57 17.86 4.59
CA GLY A 505 15.97 19.11 3.96
C GLY A 505 17.07 19.01 2.93
N GLU A 506 17.68 17.80 2.77
CA GLU A 506 18.78 17.69 1.84
CA GLU A 506 18.76 17.58 1.80
C GLU A 506 18.38 17.77 0.36
N GLY A 507 17.38 17.02 -0.07
CA GLY A 507 16.96 17.09 -1.47
C GLY A 507 17.46 15.88 -2.23
N LEU A 508 16.61 15.34 -3.13
CA LEU A 508 16.97 14.17 -3.91
C LEU A 508 18.37 14.28 -4.54
N HIS A 509 18.72 15.47 -5.08
CA HIS A 509 20.01 15.81 -5.72
C HIS A 509 21.21 15.79 -4.77
N LYS A 510 20.99 15.55 -3.47
CA LYS A 510 22.09 15.49 -2.52
C LYS A 510 22.22 14.07 -1.93
N LEU A 511 21.11 13.27 -1.95
CA LEU A 511 21.11 11.92 -1.36
C LEU A 511 22.20 11.03 -1.94
N GLY A 512 22.40 11.12 -3.25
CA GLY A 512 23.41 10.31 -3.91
C GLY A 512 24.80 10.64 -3.43
N TYR A 513 25.11 11.94 -3.30
CA TYR A 513 26.39 12.39 -2.78
C TYR A 513 26.60 11.93 -1.31
N ILE A 514 25.52 11.94 -0.49
CA ILE A 514 25.59 11.44 0.90
C ILE A 514 25.91 9.92 0.88
N LEU A 515 25.21 9.12 0.05
CA LEU A 515 25.52 7.65 -0.04
C LEU A 515 26.99 7.44 -0.50
N ARG A 516 27.47 8.26 -1.45
CA ARG A 516 28.87 8.13 -1.90
C ARG A 516 29.83 8.44 -0.74
N ASP A 517 29.50 9.43 0.11
CA ASP A 517 30.30 9.78 1.29
C ASP A 517 30.29 8.64 2.30
N ILE A 518 29.11 8.05 2.55
CA ILE A 518 29.03 6.89 3.49
C ILE A 518 29.92 5.73 2.96
N SER A 519 29.94 5.52 1.63
CA SER A 519 30.70 4.42 1.02
C SER A 519 32.21 4.49 1.29
N LYS A 520 32.70 5.69 1.63
CA LYS A 520 34.12 5.89 1.92
C LYS A 520 34.50 5.41 3.33
N ILE A 521 33.50 5.15 4.19
CA ILE A 521 33.74 4.72 5.56
C ILE A 521 34.09 3.23 5.52
N PRO A 522 35.27 2.84 6.04
CA PRO A 522 35.64 1.40 5.96
C PRO A 522 34.70 0.52 6.75
N GLY A 523 34.62 -0.75 6.34
CA GLY A 523 33.81 -1.71 7.10
C GLY A 523 33.09 -2.69 6.24
N GLY A 524 31.83 -2.92 6.60
CA GLY A 524 31.03 -3.89 5.89
C GLY A 524 30.39 -3.31 4.65
N ALA A 525 29.53 -4.09 4.03
CA ALA A 525 28.75 -3.67 2.86
C ALA A 525 27.71 -2.63 3.32
N MET A 526 27.07 -1.97 2.37
CA MET A 526 25.97 -1.02 2.63
C MET A 526 24.67 -1.83 2.57
N TYR A 527 23.93 -1.84 3.67
CA TYR A 527 22.66 -2.57 3.83
C TYR A 527 21.51 -1.62 3.68
N ALA A 528 20.44 -2.07 3.05
CA ALA A 528 19.28 -1.23 2.80
C ALA A 528 18.03 -2.10 2.89
N ASP A 529 17.78 -2.64 4.09
CA ASP A 529 16.63 -3.49 4.26
C ASP A 529 15.38 -2.70 4.48
N ASP A 530 14.36 -3.01 3.72
CA ASP A 530 13.08 -2.35 3.93
C ASP A 530 12.24 -3.16 4.93
N THR A 531 11.52 -2.43 5.78
CA THR A 531 10.61 -3.05 6.75
C THR A 531 9.26 -3.26 6.09
N ALA A 532 8.60 -4.38 6.42
CA ALA A 532 7.27 -4.57 5.81
C ALA A 532 6.26 -3.75 6.63
N GLY A 533 5.66 -2.73 6.00
CA GLY A 533 4.63 -1.89 6.63
C GLY A 533 5.08 -1.29 7.94
N TRP A 534 6.16 -0.51 7.89
CA TRP A 534 6.76 0.06 9.10
C TRP A 534 5.74 0.66 10.08
N ASP A 535 4.81 1.48 9.58
CA ASP A 535 3.87 2.18 10.51
C ASP A 535 3.04 1.22 11.34
N THR A 536 2.74 0.04 10.80
CA THR A 536 1.98 -0.96 11.52
C THR A 536 2.81 -1.72 12.54
N ARG A 537 4.15 -1.57 12.47
CA ARG A 537 5.10 -2.24 13.35
C ARG A 537 5.60 -1.36 14.50
N ILE A 538 5.04 -0.16 14.60
CA ILE A 538 5.33 0.73 15.72
C ILE A 538 4.60 0.20 16.96
N THR A 539 5.36 -0.13 17.99
CA THR A 539 4.84 -0.73 19.20
C THR A 539 4.50 0.29 20.28
N GLU A 540 3.83 -0.17 21.37
CA GLU A 540 3.54 0.69 22.53
C GLU A 540 4.90 1.16 23.12
N ASP A 541 5.92 0.29 23.12
CA ASP A 541 7.24 0.66 23.63
C ASP A 541 7.87 1.75 22.73
N ASP A 542 7.70 1.64 21.39
CA ASP A 542 8.24 2.68 20.50
C ASP A 542 7.56 3.99 20.82
N LEU A 543 6.22 3.97 20.97
CA LEU A 543 5.47 5.19 21.26
C LEU A 543 5.93 5.83 22.58
N HIS A 544 6.18 5.03 23.60
CA HIS A 544 6.65 5.57 24.89
C HIS A 544 8.06 6.14 24.83
N ASN A 545 8.92 5.57 23.96
CA ASN A 545 10.29 6.10 23.76
C ASN A 545 10.26 7.41 22.95
N GLU A 546 9.37 7.47 21.97
CA GLU A 546 9.24 8.70 21.17
C GLU A 546 8.77 9.86 22.02
N GLU A 547 7.85 9.60 22.98
CA GLU A 547 7.28 10.71 23.72
C GLU A 547 8.25 11.36 24.68
N LYS A 548 9.42 10.72 24.94
CA LYS A 548 10.46 11.28 25.86
C LYS A 548 10.95 12.69 25.44
N ILE A 549 10.71 13.10 24.17
CA ILE A 549 11.11 14.46 23.73
C ILE A 549 10.37 15.52 24.57
N ILE A 550 9.18 15.18 25.17
CA ILE A 550 8.45 16.18 25.97
C ILE A 550 9.30 16.66 27.18
N GLN A 551 10.29 15.83 27.61
CA GLN A 551 11.16 16.18 28.76
C GLN A 551 12.00 17.44 28.49
N GLN A 552 12.18 17.77 27.21
CA GLN A 552 12.97 18.94 26.77
C GLN A 552 12.12 20.19 26.48
N MET A 553 10.78 20.09 26.66
CA MET A 553 9.89 21.19 26.37
C MET A 553 9.60 22.09 27.56
N ASP A 554 9.22 23.35 27.24
CA ASP A 554 8.72 24.33 28.20
C ASP A 554 7.38 23.79 28.74
N PRO A 555 6.94 24.19 29.94
CA PRO A 555 5.71 23.61 30.53
C PRO A 555 4.45 23.70 29.68
N GLU A 556 4.19 24.85 29.05
CA GLU A 556 2.96 25.02 28.26
C GLU A 556 3.01 24.13 27.02
N HIS A 557 4.22 23.96 26.47
CA HIS A 557 4.42 23.12 25.28
C HIS A 557 4.29 21.67 25.70
N ARG A 558 4.93 21.28 26.82
CA ARG A 558 4.83 19.89 27.31
C ARG A 558 3.35 19.49 27.51
N GLN A 559 2.55 20.41 28.06
CA GLN A 559 1.12 20.17 28.30
C GLN A 559 0.39 19.78 26.96
N LEU A 560 0.67 20.55 25.90
CA LEU A 560 0.03 20.35 24.59
C LEU A 560 0.57 19.10 23.87
N ALA A 561 1.88 18.88 23.93
CA ALA A 561 2.45 17.68 23.30
C ALA A 561 2.01 16.40 24.06
N ASN A 562 1.89 16.49 25.40
CA ASN A 562 1.48 15.33 26.18
C ASN A 562 0.05 14.89 25.78
N ALA A 563 -0.82 15.87 25.49
CA ALA A 563 -2.19 15.57 25.02
C ALA A 563 -2.13 14.91 23.63
N ILE A 564 -1.27 15.42 22.76
CA ILE A 564 -1.16 14.82 21.41
C ILE A 564 -0.66 13.36 21.52
N PHE A 565 0.42 13.14 22.27
CA PHE A 565 0.97 11.77 22.41
C PHE A 565 -0.02 10.83 23.08
N LYS A 566 -0.50 11.21 24.25
CA LYS A 566 -1.32 10.32 25.04
C LYS A 566 -2.74 10.14 24.57
N LEU A 567 -3.37 11.23 24.15
CA LEU A 567 -4.79 11.14 23.80
C LEU A 567 -5.02 10.78 22.38
N THR A 568 -4.10 11.16 21.47
CA THR A 568 -4.32 10.88 20.07
C THR A 568 -3.37 9.90 19.42
N TYR A 569 -2.08 9.95 19.74
CA TYR A 569 -1.13 9.03 19.09
C TYR A 569 -1.21 7.62 19.71
N GLN A 570 -1.41 7.56 21.02
CA GLN A 570 -1.47 6.27 21.74
C GLN A 570 -2.92 5.74 21.92
N ASN A 571 -3.90 6.49 21.37
CA ASN A 571 -5.34 6.16 21.41
C ASN A 571 -6.01 6.75 20.17
N LYS A 572 -5.80 6.12 19.02
CA LYS A 572 -6.25 6.63 17.74
C LYS A 572 -7.69 6.27 17.46
N VAL A 573 -8.48 7.26 17.01
CA VAL A 573 -9.87 7.00 16.57
C VAL A 573 -9.85 7.27 15.11
N VAL A 574 -10.27 6.27 14.32
CA VAL A 574 -10.13 6.32 12.87
C VAL A 574 -11.46 6.06 12.16
N LYS A 575 -11.64 6.73 11.02
CA LYS A 575 -12.78 6.55 10.11
C LYS A 575 -12.31 5.75 8.89
N VAL A 576 -13.02 4.64 8.56
CA VAL A 576 -12.70 3.86 7.36
C VAL A 576 -13.99 3.44 6.66
N GLN A 577 -14.04 3.55 5.33
CA GLN A 577 -15.24 3.14 4.57
C GLN A 577 -15.26 1.62 4.39
N ARG A 578 -16.48 1.05 4.31
CA ARG A 578 -16.65 -0.36 4.09
C ARG A 578 -17.91 -0.56 3.24
N PRO A 579 -17.78 -1.35 2.16
CA PRO A 579 -19.00 -1.67 1.37
C PRO A 579 -19.79 -2.74 2.10
N THR A 580 -21.13 -2.68 1.96
CA THR A 580 -21.99 -3.67 2.60
C THR A 580 -23.05 -4.08 1.57
N PRO A 581 -23.84 -5.16 1.81
CA PRO A 581 -24.89 -5.52 0.83
C PRO A 581 -25.90 -4.40 0.56
N THR A 582 -26.08 -3.50 1.52
CA THR A 582 -27.09 -2.44 1.41
C THR A 582 -26.59 -1.03 1.10
N GLY A 583 -25.28 -0.86 0.94
CA GLY A 583 -24.69 0.46 0.72
C GLY A 583 -23.38 0.58 1.49
N THR A 584 -22.72 1.72 1.36
CA THR A 584 -21.44 1.94 2.01
C THR A 584 -21.66 2.50 3.39
N VAL A 585 -20.75 2.15 4.32
CA VAL A 585 -20.78 2.70 5.68
C VAL A 585 -19.42 3.26 6.04
N MET A 586 -19.38 4.13 7.02
CA MET A 586 -18.15 4.64 7.59
C MET A 586 -18.05 3.96 8.95
N ASP A 587 -17.00 3.17 9.15
CA ASP A 587 -16.78 2.53 10.43
C ASP A 587 -15.90 3.42 11.31
N ILE A 588 -16.17 3.40 12.61
CA ILE A 588 -15.36 4.10 13.62
C ILE A 588 -14.61 3.05 14.39
N ILE A 589 -13.26 3.05 14.27
CA ILE A 589 -12.45 2.03 14.92
C ILE A 589 -11.33 2.67 15.72
N SER A 590 -10.69 1.91 16.61
CA SER A 590 -9.59 2.48 17.41
C SER A 590 -8.44 1.53 17.60
N ARG A 591 -7.27 2.09 17.90
CA ARG A 591 -6.06 1.32 18.10
C ARG A 591 -5.08 2.12 18.96
N LYS A 592 -4.47 1.45 19.95
CA LYS A 592 -3.50 2.08 20.86
C LYS A 592 -2.11 2.15 20.22
N ASP A 593 -1.61 1.03 19.68
CA ASP A 593 -0.29 1.04 19.05
C ASP A 593 -0.35 1.34 17.55
N GLN A 594 0.77 1.12 16.81
CA GLN A 594 0.92 1.50 15.41
C GLN A 594 1.09 2.99 15.34
N ARG A 595 1.66 3.42 14.23
CA ARG A 595 1.81 4.83 13.93
C ARG A 595 0.54 5.24 13.22
N GLY A 596 0.04 6.44 13.54
CA GLY A 596 -1.08 7.03 12.83
C GLY A 596 -0.52 7.59 11.54
N SER A 597 -0.60 6.82 10.45
CA SER A 597 -0.02 7.25 9.16
C SER A 597 -0.56 8.60 8.66
N GLY A 598 -1.84 8.88 8.98
CA GLY A 598 -2.52 10.11 8.67
C GLY A 598 -2.39 11.21 9.71
N GLN A 599 -1.43 11.07 10.67
CA GLN A 599 -1.17 12.07 11.73
C GLN A 599 0.11 12.87 11.48
N VAL A 600 0.19 14.15 11.90
CA VAL A 600 1.40 15.00 11.73
C VAL A 600 2.47 14.47 12.74
N GLY A 601 3.74 14.49 12.36
CA GLY A 601 4.84 14.02 13.20
C GLY A 601 5.36 12.68 12.73
N THR A 602 4.66 12.05 11.74
CA THR A 602 5.02 10.72 11.25
C THR A 602 6.44 10.59 10.74
N TYR A 603 6.86 11.48 9.85
CA TYR A 603 8.20 11.43 9.27
C TYR A 603 9.31 11.49 10.34
N GLY A 604 9.24 12.49 11.22
CA GLY A 604 10.25 12.72 12.26
C GLY A 604 10.29 11.58 13.26
N LEU A 605 9.10 11.12 13.69
CA LEU A 605 9.03 10.03 14.69
C LEU A 605 9.49 8.69 14.12
N ASN A 606 9.18 8.45 12.83
CA ASN A 606 9.69 7.25 12.13
C ASN A 606 11.20 7.34 11.96
N THR A 607 11.73 8.53 11.59
CA THR A 607 13.20 8.69 11.45
C THR A 607 13.87 8.42 12.82
N PHE A 608 13.33 8.99 13.90
CA PHE A 608 13.83 8.76 15.27
C PHE A 608 13.89 7.25 15.60
N THR A 609 12.75 6.59 15.49
CA THR A 609 12.68 5.17 15.83
C THR A 609 13.54 4.29 14.97
N ASN A 610 13.63 4.62 13.66
CA ASN A 610 14.50 3.88 12.74
C ASN A 610 15.98 4.10 13.07
N MET A 611 16.40 5.34 13.47
CA MET A 611 17.79 5.54 13.91
C MET A 611 18.09 4.67 15.11
N GLU A 612 17.16 4.66 16.08
CA GLU A 612 17.28 3.86 17.29
C GLU A 612 17.39 2.38 16.90
N ALA A 613 16.45 1.89 16.06
CA ALA A 613 16.44 0.47 15.68
C ALA A 613 17.74 0.04 15.01
N GLN A 614 18.27 0.89 14.10
CA GLN A 614 19.49 0.53 13.37
C GLN A 614 20.73 0.58 14.28
N LEU A 615 20.73 1.51 15.28
CA LEU A 615 21.83 1.49 16.28
C LEU A 615 21.79 0.18 17.08
N VAL A 616 20.58 -0.24 17.51
CA VAL A 616 20.42 -1.51 18.22
C VAL A 616 20.91 -2.68 17.35
N ARG A 617 20.57 -2.68 16.04
CA ARG A 617 21.05 -3.75 15.17
C ARG A 617 22.59 -3.69 15.03
N GLN A 618 23.16 -2.47 14.93
CA GLN A 618 24.65 -2.38 14.90
C GLN A 618 25.26 -2.96 16.19
N MET A 619 24.65 -2.69 17.38
CA MET A 619 25.16 -3.22 18.68
C MET A 619 25.14 -4.78 18.64
N GLU A 620 24.06 -5.36 18.08
CA GLU A 620 23.98 -6.82 17.95
C GLU A 620 25.05 -7.36 17.00
N GLY A 621 25.22 -6.72 15.83
CA GLY A 621 26.27 -7.09 14.89
C GLY A 621 27.65 -7.09 15.55
N GLU A 622 27.91 -6.09 16.39
CA GLU A 622 29.22 -5.93 17.07
C GLU A 622 29.42 -6.84 18.30
N GLY A 623 28.39 -7.61 18.66
CA GLY A 623 28.45 -8.51 19.81
C GLY A 623 28.26 -7.84 21.15
N VAL A 624 27.84 -6.56 21.17
CA VAL A 624 27.59 -5.79 22.38
C VAL A 624 26.25 -6.25 22.97
N LEU A 625 25.31 -6.56 22.11
CA LEU A 625 24.01 -7.01 22.53
C LEU A 625 23.80 -8.44 22.07
N THR A 626 23.54 -9.35 23.04
CA THR A 626 23.41 -10.79 22.76
C THR A 626 21.97 -11.31 22.97
N LYS A 627 21.68 -12.55 22.56
CA LYS A 627 20.38 -13.21 22.74
C LYS A 627 20.02 -13.21 24.24
N ALA A 628 21.03 -13.55 25.08
CA ALA A 628 20.90 -13.58 26.55
C ALA A 628 20.50 -12.20 27.11
N ASP A 629 21.11 -11.13 26.55
CA ASP A 629 20.78 -9.77 26.94
C ASP A 629 19.31 -9.45 26.63
N LEU A 630 18.83 -9.83 25.44
CA LEU A 630 17.46 -9.53 25.06
C LEU A 630 16.42 -10.19 25.96
N GLU A 631 16.71 -11.43 26.37
CA GLU A 631 15.80 -12.16 27.24
C GLU A 631 15.87 -11.71 28.72
N ASN A 632 17.00 -11.08 29.15
CA ASN A 632 17.23 -10.61 30.53
C ASN A 632 16.19 -9.59 31.04
N PRO A 633 15.40 -9.91 32.11
CA PRO A 633 14.41 -8.94 32.62
C PRO A 633 15.02 -7.79 33.42
N HIS A 634 16.28 -7.94 33.86
CA HIS A 634 16.99 -6.92 34.64
C HIS A 634 18.37 -6.67 34.02
N LEU A 635 18.37 -6.36 32.71
CA LEU A 635 19.57 -6.06 31.91
C LEU A 635 20.26 -4.83 32.45
N LEU A 636 21.60 -4.88 32.52
CA LEU A 636 22.38 -3.76 33.01
CA LEU A 636 22.46 -3.80 33.01
C LEU A 636 22.71 -2.76 31.92
N GLU A 637 22.57 -1.47 32.26
CA GLU A 637 22.75 -0.39 31.31
C GLU A 637 24.20 -0.06 30.96
N LYS A 638 25.14 -0.27 31.91
CA LYS A 638 26.56 0.07 31.76
C LYS A 638 27.18 -0.18 30.39
N LYS A 639 27.07 -1.40 29.88
CA LYS A 639 27.62 -1.82 28.58
C LYS A 639 27.06 -1.00 27.39
N ILE A 640 25.75 -0.73 27.42
CA ILE A 640 25.04 -0.01 26.36
C ILE A 640 25.40 1.47 26.39
N THR A 641 25.37 2.09 27.58
CA THR A 641 25.74 3.50 27.74
C THR A 641 27.19 3.70 27.27
N GLN A 642 28.11 2.80 27.65
CA GLN A 642 29.51 2.88 27.25
C GLN A 642 29.66 2.89 25.73
N TRP A 643 28.95 1.99 25.04
CA TRP A 643 28.99 1.92 23.58
C TRP A 643 28.40 3.21 22.97
N LEU A 644 27.24 3.67 23.46
CA LEU A 644 26.63 4.89 22.90
C LEU A 644 27.50 6.12 23.12
N GLU A 645 28.06 6.26 24.33
CA GLU A 645 28.92 7.42 24.63
C GLU A 645 30.25 7.40 23.87
N THR A 646 30.80 6.22 23.57
CA THR A 646 32.08 6.16 22.86
C THR A 646 31.97 6.00 21.37
N LYS A 647 30.93 5.31 20.90
CA LYS A 647 30.79 4.98 19.47
C LYS A 647 29.51 5.49 18.80
N GLY A 648 28.50 5.86 19.58
CA GLY A 648 27.18 6.23 19.09
C GLY A 648 27.14 7.15 17.89
N VAL A 649 27.78 8.33 18.02
CA VAL A 649 27.80 9.29 16.91
C VAL A 649 28.51 8.75 15.70
N GLU A 650 29.68 8.07 15.90
CA GLU A 650 30.40 7.45 14.78
C GLU A 650 29.45 6.48 14.02
N ARG A 651 28.68 5.69 14.77
CA ARG A 651 27.76 4.73 14.18
C ARG A 651 26.56 5.38 13.47
N LEU A 652 26.09 6.54 13.96
CA LEU A 652 25.02 7.31 13.30
C LEU A 652 25.55 7.84 11.98
N LYS A 653 26.85 8.23 11.93
CA LYS A 653 27.42 8.76 10.68
C LYS A 653 27.58 7.71 9.59
N ARG A 654 27.42 6.43 9.94
CA ARG A 654 27.45 5.30 8.99
C ARG A 654 26.06 5.04 8.35
N MET A 655 25.05 5.89 8.66
CA MET A 655 23.70 5.67 8.16
C MET A 655 23.09 6.86 7.46
N ALA A 656 22.16 6.57 6.53
CA ALA A 656 21.31 7.59 5.89
C ALA A 656 19.90 7.06 6.24
N ILE A 657 19.17 7.80 7.06
CA ILE A 657 17.84 7.39 7.51
C ILE A 657 16.81 8.46 7.19
N SER A 658 15.76 8.07 6.46
CA SER A 658 14.67 8.96 6.08
C SER A 658 13.36 8.21 6.38
N GLY A 659 12.72 8.53 7.50
CA GLY A 659 11.50 7.82 7.90
C GLY A 659 11.79 6.35 8.09
N ASP A 660 10.98 5.50 7.43
CA ASP A 660 11.18 4.05 7.50
C ASP A 660 12.32 3.54 6.58
N ASP A 661 12.93 4.43 5.82
CA ASP A 661 13.96 4.01 4.87
C ASP A 661 15.37 4.19 5.40
N CYS A 662 16.23 3.20 5.20
CA CYS A 662 17.58 3.27 5.74
C CYS A 662 18.63 2.69 4.83
N VAL A 663 19.84 3.22 5.00
CA VAL A 663 21.07 2.69 4.45
C VAL A 663 22.04 2.63 5.64
N VAL A 664 22.66 1.48 5.87
CA VAL A 664 23.56 1.35 7.03
C VAL A 664 24.87 0.72 6.52
N LYS A 665 26.02 1.31 6.88
CA LYS A 665 27.33 0.73 6.51
C LYS A 665 28.01 0.34 7.82
N PRO A 666 27.80 -0.90 8.33
CA PRO A 666 28.35 -1.26 9.64
C PRO A 666 29.85 -1.51 9.63
N ILE A 667 30.43 -1.72 10.81
CA ILE A 667 31.90 -1.88 10.95
C ILE A 667 32.41 -3.15 10.27
N ASP A 668 31.54 -4.13 10.04
CA ASP A 668 31.87 -5.38 9.34
C ASP A 668 30.56 -6.08 8.91
N ASP A 669 30.62 -7.28 8.35
CA ASP A 669 29.38 -7.90 7.86
C ASP A 669 28.63 -8.81 8.83
N ARG A 670 29.02 -8.82 10.11
CA ARG A 670 28.29 -9.63 11.12
C ARG A 670 26.82 -9.10 11.21
N PHE A 671 26.65 -7.79 10.94
CA PHE A 671 25.35 -7.11 10.87
C PHE A 671 24.33 -7.89 10.00
N ALA A 672 24.78 -8.49 8.87
CA ALA A 672 23.86 -9.20 7.96
C ALA A 672 23.11 -10.32 8.67
N ASN A 673 23.78 -10.94 9.65
CA ASN A 673 23.30 -12.07 10.44
C ASN A 673 22.69 -11.60 11.79
N ALA A 674 22.75 -10.28 12.13
CA ALA A 674 22.26 -9.70 13.38
C ALA A 674 20.75 -9.39 13.24
N LEU A 675 19.91 -10.40 13.50
CA LEU A 675 18.47 -10.32 13.30
C LEU A 675 17.62 -10.47 14.53
N LEU A 676 18.22 -10.86 15.66
CA LEU A 676 17.42 -11.12 16.87
C LEU A 676 16.69 -9.89 17.39
N ALA A 677 17.44 -8.77 17.58
CA ALA A 677 16.81 -7.55 18.09
C ALA A 677 15.89 -6.94 17.04
N LEU A 678 16.30 -6.92 15.77
CA LEU A 678 15.47 -6.32 14.72
C LEU A 678 14.08 -6.98 14.65
N ASN A 679 14.03 -8.31 14.63
CA ASN A 679 12.74 -9.00 14.56
C ASN A 679 11.99 -8.85 15.89
N ASP A 680 12.70 -8.92 17.03
CA ASP A 680 12.08 -8.78 18.37
C ASP A 680 11.45 -7.39 18.58
N MET A 681 12.08 -6.33 18.04
CA MET A 681 11.50 -4.97 18.10
C MET A 681 10.25 -4.81 17.20
N GLY A 682 9.99 -5.82 16.35
CA GLY A 682 8.84 -5.84 15.45
C GLY A 682 9.13 -5.35 14.06
N LYS A 683 10.40 -5.01 13.79
CA LYS A 683 10.76 -4.44 12.50
C LYS A 683 11.17 -5.50 11.51
N VAL A 684 10.23 -6.40 11.22
CA VAL A 684 10.40 -7.53 10.31
C VAL A 684 10.63 -7.02 8.90
N ARG A 685 11.66 -7.53 8.24
CA ARG A 685 12.07 -7.11 6.89
C ARG A 685 11.09 -7.60 5.85
N LYS A 686 10.89 -6.79 4.82
CA LYS A 686 10.01 -7.12 3.70
C LYS A 686 10.74 -8.07 2.72
N ASP A 687 9.97 -8.92 2.03
CA ASP A 687 10.44 -9.77 0.90
C ASP A 687 11.60 -10.68 1.23
N ILE A 688 11.69 -11.16 2.48
CA ILE A 688 12.77 -12.07 2.90
C ILE A 688 12.33 -12.93 4.11
N PRO A 689 12.71 -14.24 4.18
CA PRO A 689 12.33 -15.01 5.37
C PRO A 689 12.93 -14.39 6.64
N GLN A 690 12.21 -14.52 7.75
CA GLN A 690 12.53 -13.87 9.02
C GLN A 690 13.96 -14.02 9.45
N TRP A 691 14.53 -15.25 9.30
CA TRP A 691 15.88 -15.53 9.76
C TRP A 691 16.94 -15.64 8.67
N GLN A 692 16.59 -15.26 7.44
CA GLN A 692 17.55 -15.27 6.36
C GLN A 692 18.48 -14.05 6.51
N PRO A 693 19.81 -14.22 6.48
CA PRO A 693 20.70 -13.03 6.59
C PRO A 693 20.46 -12.02 5.48
N SER A 694 20.60 -10.70 5.80
CA SER A 694 20.44 -9.67 4.77
C SER A 694 21.58 -9.74 3.72
N LYS A 695 21.28 -9.16 2.57
CA LYS A 695 22.24 -9.00 1.50
C LYS A 695 22.48 -7.51 1.25
N GLY A 696 23.75 -7.12 1.30
CA GLY A 696 24.16 -5.74 1.10
C GLY A 696 24.90 -5.51 -0.20
N TRP A 697 25.31 -4.27 -0.42
CA TRP A 697 26.01 -3.91 -1.65
C TRP A 697 27.33 -3.28 -1.36
N HIS A 698 28.38 -3.59 -2.14
CA HIS A 698 29.61 -2.84 -1.91
C HIS A 698 29.69 -1.66 -2.86
N ASP A 699 28.96 -1.72 -3.99
CA ASP A 699 28.90 -0.60 -4.94
C ASP A 699 27.75 0.33 -4.48
N TRP A 700 28.09 1.52 -4.00
CA TRP A 700 27.09 2.48 -3.52
C TRP A 700 26.08 2.91 -4.59
N GLN A 701 26.43 2.77 -5.88
CA GLN A 701 25.55 3.13 -7.02
C GLN A 701 24.43 2.13 -7.23
N GLN A 702 24.47 0.98 -6.55
CA GLN A 702 23.41 0.01 -6.66
C GLN A 702 22.54 0.00 -5.41
N VAL A 703 22.91 0.80 -4.40
CA VAL A 703 22.14 0.79 -3.13
C VAL A 703 20.78 1.49 -3.35
N PRO A 704 19.66 0.83 -3.00
CA PRO A 704 18.36 1.50 -3.15
C PRO A 704 18.09 2.41 -1.94
N PHE A 705 17.54 3.60 -2.19
CA PHE A 705 17.22 4.51 -1.09
C PHE A 705 16.15 5.46 -1.57
N CYS A 706 15.04 5.57 -0.82
CA CYS A 706 13.95 6.49 -1.18
C CYS A 706 13.47 6.30 -2.61
N SER A 707 13.30 5.04 -3.03
CA SER A 707 12.81 4.54 -4.34
C SER A 707 13.76 4.86 -5.48
N HIS A 708 14.99 5.31 -5.15
CA HIS A 708 15.99 5.66 -6.16
C HIS A 708 17.29 4.89 -5.94
N HIS A 709 18.18 5.00 -6.92
CA HIS A 709 19.59 4.63 -6.84
C HIS A 709 20.31 5.79 -7.53
N PHE A 710 21.63 5.84 -7.39
CA PHE A 710 22.39 7.02 -7.80
C PHE A 710 23.60 6.67 -8.63
N HIS A 711 23.79 7.38 -9.76
CA HIS A 711 24.88 7.08 -10.67
C HIS A 711 25.94 8.18 -10.64
N GLU A 712 27.22 7.79 -10.72
CA GLU A 712 28.27 8.78 -10.82
C GLU A 712 28.58 8.91 -12.32
N LEU A 713 28.55 10.15 -12.83
CA LEU A 713 28.81 10.43 -14.26
C LEU A 713 29.94 11.40 -14.38
N ILE A 714 30.66 11.33 -15.51
CA ILE A 714 31.75 12.25 -15.79
C ILE A 714 31.23 13.14 -16.91
N MET A 715 31.22 14.45 -16.66
CA MET A 715 30.75 15.46 -17.59
C MET A 715 31.74 15.61 -18.75
N LYS A 716 31.30 16.18 -19.90
CA LYS A 716 32.18 16.40 -21.07
C LYS A 716 33.42 17.21 -20.68
N ASP A 717 33.26 18.15 -19.74
CA ASP A 717 34.37 18.97 -19.23
C ASP A 717 35.23 18.28 -18.14
N GLY A 718 34.96 17.00 -17.87
CA GLY A 718 35.71 16.18 -16.92
C GLY A 718 35.25 16.16 -15.47
N ARG A 719 34.31 17.05 -15.10
CA ARG A 719 33.81 17.12 -13.72
C ARG A 719 32.84 15.97 -13.45
N LYS A 720 32.86 15.47 -12.21
CA LYS A 720 31.97 14.37 -11.83
C LYS A 720 30.66 14.94 -11.29
N LEU A 721 29.56 14.22 -11.52
CA LEU A 721 28.21 14.55 -11.05
C LEU A 721 27.62 13.28 -10.46
N VAL A 722 26.85 13.38 -9.37
CA VAL A 722 26.16 12.17 -8.88
C VAL A 722 24.70 12.45 -9.07
N VAL A 723 24.00 11.57 -9.80
CA VAL A 723 22.63 11.79 -10.22
C VAL A 723 21.63 10.78 -9.70
N PRO A 724 20.36 11.19 -9.49
CA PRO A 724 19.35 10.23 -9.02
C PRO A 724 18.68 9.51 -10.18
N CYS A 725 18.20 8.29 -9.92
CA CYS A 725 17.64 7.47 -10.97
C CYS A 725 16.69 6.45 -10.39
N ARG A 726 15.73 6.02 -11.18
CA ARG A 726 14.81 4.96 -10.81
C ARG A 726 14.37 4.29 -12.10
N PRO A 727 13.74 3.10 -12.06
CA PRO A 727 13.27 2.48 -13.32
C PRO A 727 12.46 3.46 -14.14
N GLN A 728 12.81 3.61 -15.43
CA GLN A 728 12.16 4.61 -16.25
C GLN A 728 10.64 4.43 -16.36
N ASP A 729 10.15 3.19 -16.35
CA ASP A 729 8.70 2.96 -16.41
C ASP A 729 7.94 3.60 -15.23
N GLU A 730 8.62 3.76 -14.07
CA GLU A 730 8.01 4.41 -12.91
C GLU A 730 7.88 5.89 -13.15
N LEU A 731 8.90 6.49 -13.78
CA LEU A 731 8.89 7.90 -14.10
C LEU A 731 7.81 8.22 -15.14
N ILE A 732 7.75 7.42 -16.20
CA ILE A 732 6.76 7.64 -17.26
C ILE A 732 5.34 7.35 -16.76
N GLY A 733 5.18 6.21 -16.07
CA GLY A 733 3.90 5.78 -15.51
C GLY A 733 3.29 6.82 -14.60
N ARG A 734 4.13 7.45 -13.73
CA ARG A 734 3.69 8.50 -12.82
C ARG A 734 3.26 9.79 -13.55
N ALA A 735 4.06 10.23 -14.55
CA ALA A 735 3.76 11.43 -15.32
C ALA A 735 2.47 11.28 -16.17
N ARG A 736 2.08 10.03 -16.48
CA ARG A 736 0.87 9.69 -17.24
C ARG A 736 -0.40 9.67 -16.37
N ILE A 737 -0.24 9.89 -15.04
CA ILE A 737 -1.37 9.94 -14.07
C ILE A 737 -1.75 11.39 -13.79
N SER A 738 -3.00 11.72 -14.08
CA SER A 738 -3.54 13.06 -13.88
C SER A 738 -3.99 13.29 -12.42
N GLN A 739 -4.15 14.54 -12.04
CA GLN A 739 -4.59 14.92 -10.69
C GLN A 739 -5.82 15.83 -10.80
N GLY A 740 -6.56 15.94 -9.69
CA GLY A 740 -7.76 16.78 -9.65
C GLY A 740 -9.02 16.06 -10.10
N TRP A 743 -12.02 17.64 -19.02
CA TRP A 743 -12.03 18.75 -18.06
C TRP A 743 -10.92 18.58 -17.03
N SER A 744 -9.86 19.45 -16.99
CA SER A 744 -9.55 20.64 -17.80
C SER A 744 -8.23 20.41 -18.57
N LEU A 745 -8.21 20.67 -19.90
CA LEU A 745 -7.00 20.48 -20.71
C LEU A 745 -5.81 21.36 -20.28
N ARG A 746 -6.09 22.62 -19.87
CA ARG A 746 -5.07 23.55 -19.40
C ARG A 746 -4.35 23.00 -18.15
N GLU A 747 -5.11 22.48 -17.17
CA GLU A 747 -4.54 21.91 -15.95
C GLU A 747 -3.76 20.62 -16.25
N THR A 748 -4.26 19.82 -17.20
CA THR A 748 -3.61 18.58 -17.65
C THR A 748 -2.26 18.90 -18.33
N ALA A 749 -2.27 19.89 -19.24
CA ALA A 749 -1.08 20.33 -19.96
C ALA A 749 -0.03 20.92 -19.01
N CYS A 750 -0.47 21.72 -18.00
CA CYS A 750 0.43 22.36 -17.03
C CYS A 750 1.05 21.32 -16.09
N LEU A 751 0.31 20.26 -15.76
CA LEU A 751 0.86 19.18 -14.92
C LEU A 751 1.88 18.39 -15.79
N GLY A 752 1.58 18.23 -17.08
CA GLY A 752 2.53 17.59 -18.01
C GLY A 752 3.82 18.40 -18.09
N LYS A 753 3.70 19.72 -18.20
CA LYS A 753 4.85 20.63 -18.24
C LYS A 753 5.68 20.54 -16.93
N ALA A 754 5.00 20.42 -15.77
CA ALA A 754 5.66 20.25 -14.46
C ALA A 754 6.52 18.99 -14.43
N TYR A 755 5.97 17.84 -14.91
CA TYR A 755 6.78 16.61 -14.98
C TYR A 755 7.95 16.81 -15.94
N ALA A 756 7.71 17.45 -17.10
CA ALA A 756 8.79 17.71 -18.09
C ALA A 756 9.93 18.49 -17.47
N GLN A 757 9.62 19.54 -16.72
CA GLN A 757 10.62 20.38 -16.09
C GLN A 757 11.36 19.63 -14.96
N MET A 758 10.63 18.77 -14.24
CA MET A 758 11.27 17.95 -13.17
C MET A 758 12.27 16.99 -13.84
N TRP A 759 11.90 16.41 -14.99
CA TRP A 759 12.77 15.51 -15.74
C TRP A 759 14.01 16.23 -16.22
N SER A 760 13.88 17.45 -16.75
CA SER A 760 15.06 18.20 -17.21
C SER A 760 16.02 18.53 -16.06
N LEU A 761 15.51 18.69 -14.84
CA LEU A 761 16.38 19.04 -13.72
C LEU A 761 16.97 17.84 -12.99
N MET A 762 16.18 16.77 -12.80
CA MET A 762 16.64 15.63 -12.02
C MET A 762 17.00 14.39 -12.82
N TYR A 763 16.35 14.17 -13.99
CA TYR A 763 16.49 12.96 -14.76
C TYR A 763 16.92 13.22 -16.21
N PHE A 764 17.62 14.35 -16.42
CA PHE A 764 18.18 14.83 -17.70
C PHE A 764 19.12 13.78 -18.31
N HIS A 765 19.66 12.89 -17.48
CA HIS A 765 20.60 11.86 -17.88
C HIS A 765 19.97 10.63 -18.53
N ARG A 766 18.62 10.57 -18.52
CA ARG A 766 17.85 9.51 -19.15
C ARG A 766 17.48 10.04 -20.56
N ARG A 767 18.03 9.43 -21.63
CA ARG A 767 17.80 9.83 -23.04
C ARG A 767 16.31 10.05 -23.39
N ASP A 768 15.46 9.05 -23.10
CA ASP A 768 14.03 9.08 -23.40
C ASP A 768 13.35 10.23 -22.66
N LEU A 769 13.76 10.45 -21.38
CA LEU A 769 13.15 11.51 -20.58
C LEU A 769 13.57 12.90 -21.00
N ARG A 770 14.84 13.11 -21.41
CA ARG A 770 15.22 14.45 -21.89
C ARG A 770 14.48 14.76 -23.20
N LEU A 771 14.33 13.76 -24.08
CA LEU A 771 13.63 13.95 -25.35
C LEU A 771 12.13 14.23 -25.10
N ALA A 772 11.50 13.44 -24.24
CA ALA A 772 10.09 13.59 -23.90
C ALA A 772 9.83 14.92 -23.19
N SER A 773 10.76 15.36 -22.32
CA SER A 773 10.64 16.66 -21.64
C SER A 773 10.67 17.81 -22.68
N ASN A 774 11.62 17.76 -23.61
CA ASN A 774 11.73 18.76 -24.67
C ASN A 774 10.46 18.76 -25.53
N ALA A 775 9.89 17.57 -25.78
CA ALA A 775 8.64 17.44 -26.56
C ALA A 775 7.44 18.08 -25.84
N ILE A 776 7.27 17.75 -24.54
CA ILE A 776 6.20 18.31 -23.70
C ILE A 776 6.31 19.82 -23.61
N CYS A 777 7.51 20.39 -23.35
CA CYS A 777 7.71 21.82 -23.28
C CYS A 777 7.46 22.50 -24.63
N SER A 778 7.64 21.78 -25.74
CA SER A 778 7.39 22.35 -27.08
C SER A 778 5.87 22.33 -27.37
N ALA A 779 5.14 21.41 -26.74
CA ALA A 779 3.71 21.16 -26.95
C ALA A 779 2.79 21.98 -26.04
N VAL A 780 3.34 22.54 -24.97
CA VAL A 780 2.58 23.32 -23.98
C VAL A 780 2.92 24.80 -24.15
N PRO A 781 1.90 25.71 -24.15
CA PRO A 781 2.19 27.14 -24.32
C PRO A 781 3.30 27.62 -23.37
N VAL A 782 4.32 28.29 -23.94
CA VAL A 782 5.51 28.77 -23.23
C VAL A 782 5.23 29.59 -21.95
N HIS A 783 4.18 30.43 -21.95
CA HIS A 783 3.84 31.30 -20.83
C HIS A 783 2.99 30.64 -19.74
N TRP A 784 2.48 29.42 -19.99
CA TRP A 784 1.69 28.68 -19.03
C TRP A 784 2.63 28.17 -17.94
N VAL A 785 2.45 28.70 -16.72
CA VAL A 785 3.30 28.38 -15.57
C VAL A 785 2.90 27.00 -15.01
N PRO A 786 3.85 26.04 -14.84
CA PRO A 786 3.46 24.74 -14.29
C PRO A 786 2.62 24.84 -13.02
N THR A 787 1.54 24.06 -12.99
CA THR A 787 0.62 24.03 -11.85
C THR A 787 0.57 22.60 -11.35
N SER A 788 0.13 22.43 -10.09
CA SER A 788 0.05 21.17 -9.37
C SER A 788 1.42 20.49 -9.27
N ARG A 789 1.70 19.93 -8.10
CA ARG A 789 2.96 19.28 -7.80
C ARG A 789 3.11 17.91 -8.47
N THR A 790 4.36 17.57 -8.84
CA THR A 790 4.69 16.28 -9.46
C THR A 790 4.86 15.20 -8.43
N THR A 791 5.11 15.59 -7.18
CA THR A 791 5.38 14.71 -6.06
C THR A 791 5.07 15.39 -4.74
N TRP A 792 4.78 14.59 -3.71
CA TRP A 792 4.59 15.10 -2.35
C TRP A 792 5.79 14.67 -1.47
N SER A 793 6.84 14.08 -2.08
CA SER A 793 8.02 13.65 -1.34
C SER A 793 8.63 14.78 -0.53
N ILE A 794 9.03 14.47 0.71
CA ILE A 794 9.74 15.41 1.58
C ILE A 794 11.10 15.79 0.95
N HIS A 795 11.61 14.97 0.01
CA HIS A 795 12.88 15.19 -0.66
C HIS A 795 12.81 16.12 -1.88
N ALA A 796 11.59 16.56 -2.24
CA ALA A 796 11.38 17.44 -3.39
C ALA A 796 11.39 18.90 -3.00
N HIS A 797 12.21 19.70 -3.69
CA HIS A 797 12.28 21.14 -3.43
C HIS A 797 11.60 21.95 -4.55
N HIS A 798 11.08 21.25 -5.57
CA HIS A 798 10.27 21.78 -6.66
C HIS A 798 10.89 22.97 -7.41
N GLN A 799 12.20 22.92 -7.69
CA GLN A 799 12.91 24.00 -8.41
C GLN A 799 12.44 24.11 -9.89
N TRP A 800 11.76 23.06 -10.37
CA TRP A 800 11.18 22.97 -11.71
C TRP A 800 9.83 23.70 -11.86
N MET A 801 9.24 24.16 -10.73
CA MET A 801 7.97 24.87 -10.72
C MET A 801 8.27 26.33 -11.01
N THR A 802 8.60 26.62 -12.29
CA THR A 802 9.01 27.95 -12.74
C THR A 802 8.84 28.15 -14.26
N THR A 803 9.05 29.39 -14.71
CA THR A 803 9.05 29.77 -16.13
C THR A 803 10.45 30.22 -16.50
N GLU A 804 11.37 30.23 -15.51
CA GLU A 804 12.78 30.56 -15.71
C GLU A 804 13.39 29.49 -16.63
N ASP A 805 14.39 29.87 -17.44
CA ASP A 805 15.04 28.94 -18.37
C ASP A 805 15.61 27.76 -17.55
N MET A 806 15.27 26.51 -17.94
CA MET A 806 15.70 25.30 -17.23
C MET A 806 17.21 25.13 -17.14
N LEU A 807 17.99 25.63 -18.14
CA LEU A 807 19.44 25.54 -18.03
C LEU A 807 20.00 26.45 -16.91
N THR A 808 19.41 27.63 -16.68
CA THR A 808 19.96 28.46 -15.59
C THR A 808 19.61 27.85 -14.23
N VAL A 809 18.46 27.17 -14.12
CA VAL A 809 18.03 26.47 -12.89
C VAL A 809 18.98 25.26 -12.72
N TRP A 810 19.25 24.52 -13.80
CA TRP A 810 20.17 23.37 -13.76
C TRP A 810 21.53 23.82 -13.20
N ASN A 811 22.10 24.91 -13.76
CA ASN A 811 23.37 25.46 -13.29
C ASN A 811 23.34 25.83 -11.82
N ARG A 812 22.23 26.44 -11.36
CA ARG A 812 22.05 26.83 -9.96
C ARG A 812 22.10 25.62 -9.02
N VAL A 813 21.32 24.59 -9.34
CA VAL A 813 21.20 23.36 -8.53
C VAL A 813 22.48 22.53 -8.57
N TRP A 814 22.92 22.18 -9.79
CA TRP A 814 24.03 21.27 -10.00
C TRP A 814 25.43 21.81 -9.88
N ILE A 815 25.61 23.13 -10.08
CA ILE A 815 26.94 23.72 -10.01
C ILE A 815 27.05 24.68 -8.84
N GLU A 816 26.35 25.83 -8.91
CA GLU A 816 26.44 26.91 -7.92
C GLU A 816 26.19 26.49 -6.48
N GLU A 817 25.04 25.86 -6.21
CA GLU A 817 24.60 25.48 -4.86
C GLU A 817 25.09 24.08 -4.49
N ASN A 818 25.76 23.37 -5.41
CA ASN A 818 26.20 21.99 -5.17
C ASN A 818 27.50 21.97 -4.33
N PRO A 819 27.44 21.53 -3.05
CA PRO A 819 28.68 21.57 -2.21
C PRO A 819 29.72 20.53 -2.62
N TRP A 820 29.33 19.55 -3.46
CA TRP A 820 30.27 18.55 -3.91
C TRP A 820 30.84 18.92 -5.28
N MET A 821 30.57 20.16 -5.76
CA MET A 821 31.11 20.64 -7.04
C MET A 821 32.09 21.79 -6.71
N GLU A 822 33.40 21.54 -6.76
CA GLU A 822 34.32 22.60 -6.39
C GLU A 822 34.44 23.69 -7.45
N ASP A 823 34.63 23.26 -8.72
CA ASP A 823 34.72 24.18 -9.85
C ASP A 823 33.32 24.71 -10.18
N LYS A 824 33.11 26.02 -9.97
CA LYS A 824 31.81 26.68 -10.15
C LYS A 824 31.57 27.20 -11.58
N THR A 825 32.38 26.76 -12.56
CA THR A 825 32.21 27.17 -13.97
C THR A 825 30.84 26.68 -14.49
N PRO A 826 29.98 27.61 -14.97
CA PRO A 826 28.68 27.19 -15.50
C PRO A 826 28.80 26.41 -16.81
N VAL A 827 27.70 25.76 -17.15
CA VAL A 827 27.54 25.01 -18.38
C VAL A 827 26.70 25.96 -19.27
N THR A 828 27.12 26.15 -20.53
CA THR A 828 26.44 27.07 -21.47
C THR A 828 25.54 26.31 -22.45
N THR A 829 25.60 24.97 -22.42
CA THR A 829 24.85 24.14 -23.37
C THR A 829 24.37 22.85 -22.74
N TRP A 830 23.17 22.38 -23.14
CA TRP A 830 22.64 21.10 -22.70
C TRP A 830 23.50 19.95 -23.23
N GLU A 831 24.30 20.21 -24.31
CA GLU A 831 25.18 19.17 -24.83
C GLU A 831 26.26 18.80 -23.82
N ASN A 832 26.57 19.70 -22.87
CA ASN A 832 27.55 19.49 -21.80
C ASN A 832 26.90 18.95 -20.48
N VAL A 833 25.59 18.74 -20.52
CA VAL A 833 24.82 18.16 -19.39
C VAL A 833 24.79 16.68 -19.75
N PRO A 834 25.36 15.80 -18.89
CA PRO A 834 25.56 14.41 -19.31
C PRO A 834 24.35 13.46 -19.28
N TYR A 835 24.50 12.36 -20.02
CA TYR A 835 23.60 11.22 -20.06
C TYR A 835 24.29 10.06 -19.37
N LEU A 836 23.51 9.07 -18.91
CA LEU A 836 24.07 7.82 -18.42
C LEU A 836 24.72 7.15 -19.63
N GLY A 837 25.61 6.18 -19.41
CA GLY A 837 26.10 5.36 -20.52
C GLY A 837 24.91 4.65 -21.14
N LYS A 838 24.98 4.36 -22.43
CA LYS A 838 23.88 3.71 -23.17
C LYS A 838 23.43 2.44 -22.48
N ARG A 839 24.39 1.53 -22.14
CA ARG A 839 24.11 0.25 -21.48
C ARG A 839 23.37 0.44 -20.13
N GLU A 840 23.82 1.43 -19.33
CA GLU A 840 23.25 1.80 -18.02
C GLU A 840 21.83 2.38 -18.21
N ASP A 841 21.66 3.26 -19.21
CA ASP A 841 20.33 3.81 -19.53
C ASP A 841 19.36 2.67 -19.86
N GLN A 842 19.82 1.69 -20.67
CA GLN A 842 19.03 0.52 -21.05
C GLN A 842 18.72 -0.38 -19.84
N TRP A 843 19.72 -0.61 -18.96
CA TRP A 843 19.54 -1.42 -17.74
C TRP A 843 18.44 -0.80 -16.88
N CYS A 844 18.42 0.53 -16.80
CA CYS A 844 17.44 1.30 -16.04
C CYS A 844 16.10 1.60 -16.75
N GLY A 845 15.85 0.88 -17.84
CA GLY A 845 14.59 0.88 -18.57
C GLY A 845 14.48 1.68 -19.85
N SER A 846 15.58 2.26 -20.36
CA SER A 846 15.50 3.05 -21.59
C SER A 846 15.03 2.16 -22.75
N LEU A 847 14.31 2.76 -23.70
CA LEU A 847 13.88 2.02 -24.87
C LEU A 847 14.83 2.31 -26.03
N ILE A 848 15.91 3.09 -25.78
CA ILE A 848 16.91 3.40 -26.82
C ILE A 848 17.41 2.07 -27.47
N GLY A 849 17.45 2.05 -28.79
CA GLY A 849 17.87 0.87 -29.54
C GLY A 849 16.72 0.04 -30.09
N LEU A 850 15.51 0.24 -29.55
CA LEU A 850 14.32 -0.46 -30.03
C LEU A 850 13.72 0.27 -31.21
N THR A 851 13.10 -0.49 -32.13
CA THR A 851 12.46 0.10 -33.31
C THR A 851 11.33 1.06 -32.94
N SER A 852 10.50 0.70 -31.93
CA SER A 852 9.37 1.55 -31.47
C SER A 852 9.87 2.93 -30.99
N ARG A 853 11.03 2.96 -30.33
CA ARG A 853 11.64 4.18 -29.83
C ARG A 853 12.14 5.04 -30.99
N ALA A 854 12.75 4.40 -32.02
CA ALA A 854 13.23 5.14 -33.20
C ALA A 854 12.01 5.77 -33.90
N THR A 855 10.90 5.00 -34.06
CA THR A 855 9.66 5.47 -34.69
C THR A 855 9.12 6.67 -33.92
N TRP A 856 9.10 6.56 -32.58
CA TRP A 856 8.67 7.63 -31.66
C TRP A 856 9.47 8.89 -31.85
N ALA A 857 10.82 8.79 -31.86
CA ALA A 857 11.70 9.94 -32.04
C ALA A 857 11.42 10.65 -33.38
N GLN A 858 11.19 9.85 -34.45
CA GLN A 858 10.90 10.38 -35.80
C GLN A 858 9.55 11.13 -35.80
N ASN A 859 8.58 10.60 -35.03
CA ASN A 859 7.20 11.09 -34.91
C ASN A 859 7.03 12.25 -33.92
N ILE A 860 8.12 12.69 -33.23
CA ILE A 860 8.03 13.80 -32.25
C ILE A 860 7.46 15.12 -32.77
N PRO A 861 7.95 15.78 -33.86
CA PRO A 861 7.29 17.04 -34.28
C PRO A 861 5.79 16.83 -34.56
N THR A 862 5.38 15.63 -35.01
CA THR A 862 3.95 15.31 -35.29
C THR A 862 3.13 15.25 -34.01
N ALA A 863 3.61 14.48 -33.01
CA ALA A 863 2.95 14.32 -31.71
C ALA A 863 2.83 15.68 -31.01
N ILE A 864 3.87 16.53 -31.12
CA ILE A 864 3.86 17.89 -30.60
C ILE A 864 2.70 18.65 -31.26
N GLN A 865 2.58 18.58 -32.60
CA GLN A 865 1.51 19.27 -33.35
C GLN A 865 0.13 18.80 -32.91
N GLN A 866 -0.02 17.49 -32.63
CA GLN A 866 -1.31 16.92 -32.20
C GLN A 866 -1.77 17.55 -30.90
N VAL A 867 -0.85 17.62 -29.91
CA VAL A 867 -1.14 18.26 -28.63
C VAL A 867 -1.42 19.75 -28.85
N ARG A 868 -0.58 20.43 -29.63
CA ARG A 868 -0.76 21.85 -29.92
C ARG A 868 -2.18 22.14 -30.52
N SER A 869 -2.64 21.27 -31.44
CA SER A 869 -3.96 21.40 -32.08
C SER A 869 -5.08 21.19 -31.07
N LEU A 870 -4.90 20.25 -30.14
CA LEU A 870 -5.92 19.98 -29.11
C LEU A 870 -6.01 21.16 -28.13
N ILE A 871 -4.87 21.81 -27.83
CA ILE A 871 -4.80 22.99 -26.95
C ILE A 871 -5.39 24.23 -27.64
N GLY A 872 -5.05 24.43 -28.91
CA GLY A 872 -5.53 25.56 -29.68
C GLY A 872 -4.45 26.53 -30.11
N ASN A 873 -4.86 27.64 -30.74
CA ASN A 873 -3.97 28.66 -31.29
C ASN A 873 -3.30 29.53 -30.22
N GLU A 874 -2.41 28.92 -29.41
CA GLU A 874 -1.65 29.59 -28.34
C GLU A 874 -0.18 29.85 -28.78
N GLU A 875 0.66 30.49 -27.93
CA GLU A 875 2.05 30.76 -28.27
C GLU A 875 2.97 29.61 -27.79
N PHE A 876 3.60 28.91 -28.74
CA PHE A 876 4.50 27.78 -28.44
C PHE A 876 5.92 28.04 -28.92
N LEU A 877 6.91 27.40 -28.26
CA LEU A 877 8.33 27.46 -28.58
C LEU A 877 8.85 26.05 -28.88
N ASP A 878 9.91 25.92 -29.69
CA ASP A 878 10.49 24.62 -30.03
C ASP A 878 11.72 24.32 -29.16
N TYR A 879 11.60 23.33 -28.26
CA TYR A 879 12.68 22.92 -27.35
C TYR A 879 13.47 21.69 -27.82
N MET A 880 13.08 21.11 -28.97
CA MET A 880 13.76 19.95 -29.53
C MET A 880 15.20 20.28 -29.89
N PRO A 881 16.15 19.46 -29.39
CA PRO A 881 17.59 19.66 -29.63
C PRO A 881 17.97 19.47 -31.10
#